data_7W97
#
_entry.id   7W97
#
_cell.length_a   58.677
_cell.length_b   145.510
_cell.length_c   62.934
_cell.angle_alpha   90.000
_cell.angle_beta   97.270
_cell.angle_gamma   90.000
#
_symmetry.space_group_name_H-M   'P 1 21 1'
#
loop_
_entity.id
_entity.type
_entity.pdbx_description
1 polymer 'Bifunctional cytochrome P450/NADPH--P450 reductase'
2 non-polymer 'PROTOPORPHYRIN IX CONTAINING FE'
3 non-polymer '(2~{S})-2-(hexadecanoylamino)-4-oxidanyl-butanoic acid'
4 non-polymer GLYCEROL
5 water water
#
_entity_poly.entity_id   1
_entity_poly.type   'polypeptide(L)'
_entity_poly.pdbx_seq_one_letter_code
;MTIKEMPQPKTFGELKNLPLLNTDKPVQALMKIADELGEIFKFEAPGRVTRYLSSQRLIKEACDESRFDKNLSQALKFVR
DFAGDGLFTSWTHEKNWKKAHNILLPSFSQQAMKGYHAMMVDIAVQLVQKWERLNADEHIEVPEDMTRLTLDTIGLCGFN
YRFNSFYRDQPHPFITSMVRALDEAMNKLQRANPDDPAYDENKRQFQEDIKVMNDLVDKIIADRKASGEQSDDLLTHMLN
GKDPETGEPLDDENIRYQIITFLIAGHETTSGLLSFALYFLVKNPHVLQKAAEEAARVLVDPVPSYKQVKQLKYVGMVLN
EALRLWPTAPAFSLYAKEDTVLGGEYPLEKGDELMVLIPQLHRDKTIWGDDVEEFRPERFENPSAIPQHAFKPFGNGQRA
CIGQQFALHEATLVLGMMLKHFDFEDHTNYELDIKETLTLKPEGFVVKAKSKKIPL
;
_entity_poly.pdbx_strand_id   A,B
#
loop_
_chem_comp.id
_chem_comp.type
_chem_comp.name
_chem_comp.formula
8PD non-polymer '(2~{S})-2-(hexadecanoylamino)-4-oxidanyl-butanoic acid' 'C20 H39 N O4'
GOL non-polymer GLYCEROL 'C3 H8 O3'
HEM non-polymer 'PROTOPORPHYRIN IX CONTAINING FE' 'C34 H32 Fe N4 O4'
#
# COMPACT_ATOMS: atom_id res chain seq x y z
N GLU A 5 -13.54 11.25 -33.10
CA GLU A 5 -12.50 11.50 -32.05
C GLU A 5 -12.50 10.30 -31.07
N MET A 6 -13.64 10.03 -30.43
CA MET A 6 -13.73 9.00 -29.37
C MET A 6 -13.72 7.60 -29.98
N PRO A 7 -12.86 6.66 -29.54
CA PRO A 7 -12.93 5.27 -30.00
C PRO A 7 -14.27 4.58 -29.68
N GLN A 8 -14.61 3.57 -30.45
CA GLN A 8 -15.90 2.84 -30.32
C GLN A 8 -15.68 1.40 -30.77
N PRO A 9 -16.14 0.39 -29.99
CA PRO A 9 -16.00 -0.99 -30.40
C PRO A 9 -16.91 -1.34 -31.57
N LYS A 10 -16.77 -2.57 -32.02
CA LYS A 10 -17.40 -3.05 -33.26
C LYS A 10 -18.93 -2.99 -33.12
N THR A 11 -19.58 -2.79 -34.25
CA THR A 11 -21.03 -2.54 -34.34
C THR A 11 -21.75 -3.65 -35.10
N PHE A 12 -23.06 -3.69 -34.92
CA PHE A 12 -23.98 -4.72 -35.43
C PHE A 12 -25.12 -4.00 -36.15
N GLY A 13 -24.77 -3.14 -37.10
CA GLY A 13 -25.79 -2.41 -37.89
C GLY A 13 -26.69 -1.58 -36.98
N GLU A 14 -28.00 -1.68 -37.16
CA GLU A 14 -28.98 -0.83 -36.42
C GLU A 14 -28.95 -1.16 -34.92
N LEU A 15 -28.37 -2.30 -34.51
CA LEU A 15 -28.26 -2.66 -33.07
C LEU A 15 -27.04 -1.97 -32.45
N LYS A 16 -26.20 -1.32 -33.25
CA LYS A 16 -25.03 -0.54 -32.78
C LYS A 16 -24.14 -1.45 -31.94
N ASN A 17 -23.80 -1.10 -30.70
CA ASN A 17 -22.89 -1.93 -29.88
C ASN A 17 -23.67 -2.89 -28.98
N LEU A 18 -25.00 -2.86 -28.99
CA LEU A 18 -25.79 -3.58 -27.97
C LEU A 18 -25.45 -5.07 -27.93
N PRO A 19 -25.27 -5.80 -29.06
CA PRO A 19 -24.97 -7.23 -29.00
C PRO A 19 -23.63 -7.61 -28.37
N LEU A 20 -22.75 -6.64 -28.13
CA LEU A 20 -21.53 -6.90 -27.32
C LEU A 20 -21.92 -7.33 -25.91
N LEU A 21 -23.13 -7.00 -25.47
CA LEU A 21 -23.59 -7.40 -24.11
C LEU A 21 -24.34 -8.73 -24.16
N ASN A 22 -24.45 -9.36 -25.33
CA ASN A 22 -25.08 -10.71 -25.45
C ASN A 22 -24.02 -11.74 -25.10
N THR A 23 -23.72 -11.85 -23.80
CA THR A 23 -22.66 -12.70 -23.25
C THR A 23 -23.02 -12.89 -21.78
N ASP A 24 -22.62 -14.00 -21.19
CA ASP A 24 -22.84 -14.14 -19.74
C ASP A 24 -21.68 -13.46 -19.00
N LYS A 25 -20.71 -12.84 -19.70
CA LYS A 25 -19.59 -12.14 -19.03
C LYS A 25 -19.39 -10.75 -19.62
N PRO A 26 -20.41 -9.86 -19.51
CA PRO A 26 -20.34 -8.54 -20.14
C PRO A 26 -19.25 -7.64 -19.57
N VAL A 27 -19.03 -7.63 -18.26
CA VAL A 27 -17.99 -6.75 -17.67
C VAL A 27 -16.62 -7.20 -18.19
N GLN A 28 -16.38 -8.51 -18.20
CA GLN A 28 -15.10 -9.01 -18.73
C GLN A 28 -14.97 -8.66 -20.22
N ALA A 29 -16.06 -8.69 -20.96
CA ALA A 29 -16.00 -8.27 -22.38
C ALA A 29 -15.64 -6.80 -22.47
N LEU A 30 -16.21 -5.96 -21.62
CA LEU A 30 -15.92 -4.52 -21.67
C LEU A 30 -14.49 -4.22 -21.24
N MET A 31 -13.96 -5.03 -20.32
CA MET A 31 -12.54 -4.89 -19.90
C MET A 31 -11.63 -5.14 -21.10
N LYS A 32 -11.93 -6.18 -21.88
N LYS A 32 -11.93 -6.18 -21.88
CA LYS A 32 -11.13 -6.53 -23.09
CA LYS A 32 -11.11 -6.52 -23.08
C LYS A 32 -11.23 -5.38 -24.10
C LYS A 32 -11.23 -5.39 -24.11
N ILE A 33 -12.42 -4.81 -24.27
CA ILE A 33 -12.61 -3.65 -25.18
C ILE A 33 -11.77 -2.48 -24.66
N ALA A 34 -11.80 -2.19 -23.36
CA ALA A 34 -10.99 -1.10 -22.79
C ALA A 34 -9.50 -1.36 -23.06
N ASP A 35 -9.05 -2.60 -22.94
CA ASP A 35 -7.60 -2.90 -23.20
C ASP A 35 -7.28 -2.56 -24.65
N GLU A 36 -8.20 -2.81 -25.56
CA GLU A 36 -8.02 -2.58 -27.02
C GLU A 36 -8.08 -1.08 -27.32
N LEU A 37 -9.02 -0.35 -26.74
CA LEU A 37 -9.36 1.03 -27.18
C LEU A 37 -8.78 2.11 -26.27
N GLY A 38 -8.50 1.81 -25.01
CA GLY A 38 -7.81 2.72 -24.10
C GLY A 38 -8.76 3.37 -23.10
N GLU A 39 -8.42 4.57 -22.67
CA GLU A 39 -8.99 5.17 -21.44
C GLU A 39 -10.46 5.55 -21.63
N ILE A 40 -10.95 5.69 -22.86
CA ILE A 40 -12.35 6.10 -23.07
C ILE A 40 -12.86 5.46 -24.36
N PHE A 41 -14.06 4.93 -24.34
CA PHE A 41 -14.76 4.53 -25.58
C PHE A 41 -16.24 4.81 -25.45
N LYS A 42 -16.83 5.09 -26.61
CA LYS A 42 -18.29 5.29 -26.75
C LYS A 42 -18.95 3.92 -26.87
N PHE A 43 -20.11 3.77 -26.26
CA PHE A 43 -20.94 2.57 -26.36
C PHE A 43 -22.35 3.04 -26.70
N GLU A 44 -22.84 2.66 -27.86
CA GLU A 44 -24.16 3.08 -28.36
C GLU A 44 -25.08 1.88 -28.44
N ALA A 45 -26.35 2.12 -28.11
CA ALA A 45 -27.44 1.17 -28.33
C ALA A 45 -28.54 1.98 -28.97
N PRO A 46 -29.55 1.34 -29.58
CA PRO A 46 -30.67 2.11 -30.11
C PRO A 46 -31.22 3.00 -28.99
N GLY A 47 -31.19 4.30 -29.21
CA GLY A 47 -31.81 5.29 -28.32
C GLY A 47 -30.96 5.68 -27.12
N ARG A 48 -29.71 5.21 -27.00
CA ARG A 48 -28.86 5.67 -25.87
C ARG A 48 -27.37 5.57 -26.19
N VAL A 49 -26.60 6.33 -25.43
CA VAL A 49 -25.12 6.34 -25.52
C VAL A 49 -24.56 6.49 -24.11
N THR A 50 -23.44 5.84 -23.87
CA THR A 50 -22.63 6.11 -22.68
C THR A 50 -21.17 6.02 -23.09
N ARG A 51 -20.29 6.45 -22.20
CA ARG A 51 -18.85 6.46 -22.44
C ARG A 51 -18.21 5.72 -21.27
N TYR A 52 -17.43 4.70 -21.60
CA TYR A 52 -16.71 3.88 -20.59
C TYR A 52 -15.34 4.49 -20.33
N LEU A 53 -15.08 4.78 -19.06
CA LEU A 53 -13.82 5.38 -18.57
C LEU A 53 -12.98 4.31 -17.88
N SER A 54 -11.69 4.28 -18.18
CA SER A 54 -10.76 3.28 -17.62
C SER A 54 -9.52 3.93 -16.98
N SER A 55 -9.24 5.23 -17.17
CA SER A 55 -7.99 5.83 -16.65
C SER A 55 -8.28 6.64 -15.41
N GLN A 56 -7.34 6.67 -14.48
CA GLN A 56 -7.42 7.55 -13.31
C GLN A 56 -7.54 9.01 -13.76
N ARG A 57 -6.86 9.39 -14.85
CA ARG A 57 -6.85 10.84 -15.20
C ARG A 57 -8.26 11.27 -15.57
N LEU A 58 -9.07 10.44 -16.22
CA LEU A 58 -10.46 10.83 -16.57
C LEU A 58 -11.41 10.51 -15.41
N ILE A 59 -11.19 9.41 -14.71
CA ILE A 59 -12.11 9.02 -13.61
C ILE A 59 -12.01 10.03 -12.47
N LYS A 60 -10.84 10.62 -12.20
CA LYS A 60 -10.75 11.63 -11.11
C LYS A 60 -11.66 12.82 -11.44
N GLU A 61 -11.83 13.17 -12.71
CA GLU A 61 -12.74 14.27 -13.14
C GLU A 61 -14.18 13.79 -12.99
N ALA A 62 -14.48 12.56 -13.39
CA ALA A 62 -15.84 11.98 -13.27
C ALA A 62 -16.27 12.00 -11.80
N CYS A 63 -15.33 11.92 -10.88
CA CYS A 63 -15.58 11.80 -9.43
C CYS A 63 -15.74 13.17 -8.76
N ASP A 64 -15.68 14.24 -9.56
CA ASP A 64 -15.91 15.62 -9.07
C ASP A 64 -17.43 15.80 -8.94
N GLU A 65 -17.92 15.79 -7.72
CA GLU A 65 -19.38 15.83 -7.45
C GLU A 65 -19.97 17.18 -7.84
N SER A 66 -19.14 18.21 -8.04
CA SER A 66 -19.68 19.50 -8.57
C SER A 66 -20.04 19.37 -10.05
N ARG A 67 -19.48 18.39 -10.76
CA ARG A 67 -19.62 18.26 -12.24
C ARG A 67 -20.49 17.06 -12.62
N PHE A 68 -20.46 15.99 -11.81
CA PHE A 68 -21.15 14.73 -12.12
C PHE A 68 -21.85 14.18 -10.87
N ASP A 69 -23.00 13.59 -11.09
CA ASP A 69 -23.81 12.93 -10.04
C ASP A 69 -24.02 11.48 -10.43
N LYS A 70 -24.37 10.66 -9.45
CA LYS A 70 -24.69 9.23 -9.71
C LYS A 70 -25.84 9.13 -10.72
N ASN A 71 -25.63 8.28 -11.70
CA ASN A 71 -26.65 7.88 -12.68
C ASN A 71 -27.09 6.45 -12.37
N LEU A 72 -28.33 6.13 -12.69
CA LEU A 72 -28.76 4.72 -12.75
C LEU A 72 -28.40 4.17 -14.12
N SER A 73 -27.41 3.30 -14.18
CA SER A 73 -27.11 2.46 -15.35
C SER A 73 -28.39 1.69 -15.71
N GLN A 74 -28.41 1.09 -16.91
CA GLN A 74 -29.52 0.20 -17.28
C GLN A 74 -29.65 -0.91 -16.22
N ALA A 75 -28.51 -1.46 -15.76
CA ALA A 75 -28.49 -2.50 -14.71
C ALA A 75 -29.29 -2.01 -13.50
N LEU A 76 -28.97 -0.83 -13.00
CA LEU A 76 -29.65 -0.33 -11.78
C LEU A 76 -31.11 0.05 -12.07
N LYS A 77 -31.45 0.50 -13.27
CA LYS A 77 -32.88 0.76 -13.59
C LYS A 77 -33.67 -0.57 -13.52
N PHE A 78 -33.05 -1.67 -13.92
CA PHE A 78 -33.71 -2.99 -13.88
C PHE A 78 -33.79 -3.47 -12.43
N VAL A 79 -32.73 -3.27 -11.66
CA VAL A 79 -32.71 -3.66 -10.23
C VAL A 79 -33.75 -2.82 -9.48
N ARG A 80 -33.96 -1.58 -9.90
CA ARG A 80 -34.95 -0.69 -9.25
C ARG A 80 -36.36 -1.28 -9.34
N ASP A 81 -36.60 -2.19 -10.28
CA ASP A 81 -37.92 -2.88 -10.34
C ASP A 81 -38.20 -3.59 -9.01
N PHE A 82 -37.19 -4.03 -8.28
CA PHE A 82 -37.41 -4.67 -6.94
C PHE A 82 -36.80 -3.86 -5.79
N ALA A 83 -35.83 -2.98 -6.04
CA ALA A 83 -35.15 -2.24 -4.95
C ALA A 83 -35.67 -0.81 -4.85
N GLY A 84 -36.51 -0.38 -5.78
CA GLY A 84 -37.26 0.89 -5.69
C GLY A 84 -36.36 2.08 -5.40
N ASP A 85 -36.77 2.94 -4.49
CA ASP A 85 -35.97 4.14 -4.08
C ASP A 85 -35.24 3.83 -2.78
N GLY A 86 -34.80 2.58 -2.63
CA GLY A 86 -33.78 2.22 -1.62
C GLY A 86 -32.48 2.94 -1.93
N LEU A 87 -31.53 2.86 -1.03
CA LEU A 87 -30.32 3.72 -1.14
C LEU A 87 -29.54 3.44 -2.41
N PHE A 88 -29.48 2.19 -2.87
CA PHE A 88 -28.61 1.84 -4.02
C PHE A 88 -29.20 2.34 -5.34
N THR A 89 -30.53 2.38 -5.44
CA THR A 89 -31.23 2.61 -6.73
C THR A 89 -32.03 3.91 -6.70
N SER A 90 -31.79 4.78 -5.74
CA SER A 90 -32.42 6.13 -5.70
C SER A 90 -31.52 7.12 -6.42
N TRP A 91 -32.15 8.12 -7.03
CA TRP A 91 -31.43 9.30 -7.52
C TRP A 91 -31.08 10.20 -6.33
N THR A 92 -29.97 10.92 -6.42
CA THR A 92 -29.50 11.77 -5.31
C THR A 92 -30.56 12.84 -4.98
N HIS A 93 -31.32 13.25 -5.98
CA HIS A 93 -32.31 14.35 -5.85
C HIS A 93 -33.67 13.83 -5.36
N GLU A 94 -33.89 12.54 -5.27
CA GLU A 94 -35.15 12.00 -4.67
C GLU A 94 -35.05 12.19 -3.17
N LYS A 95 -36.11 12.74 -2.57
CA LYS A 95 -36.19 13.00 -1.12
C LYS A 95 -35.76 11.78 -0.32
N ASN A 96 -36.14 10.58 -0.71
CA ASN A 96 -35.84 9.37 0.09
C ASN A 96 -34.35 9.02 0.07
N TRP A 97 -33.53 9.55 -0.84
CA TRP A 97 -32.08 9.22 -0.82
C TRP A 97 -31.47 9.87 0.44
N LYS A 98 -31.50 11.19 0.56
CA LYS A 98 -30.76 11.84 1.68
C LYS A 98 -31.45 11.45 2.98
N LYS A 99 -32.77 11.30 2.99
CA LYS A 99 -33.49 10.92 4.23
C LYS A 99 -32.97 9.57 4.74
N ALA A 100 -32.94 8.55 3.87
CA ALA A 100 -32.50 7.21 4.30
C ALA A 100 -31.01 7.24 4.63
N HIS A 101 -30.22 7.99 3.87
CA HIS A 101 -28.77 8.12 4.11
C HIS A 101 -28.57 8.64 5.53
N ASN A 102 -29.26 9.71 5.90
CA ASN A 102 -29.04 10.30 7.23
C ASN A 102 -29.54 9.36 8.32
N ILE A 103 -30.63 8.65 8.11
CA ILE A 103 -31.23 7.72 9.10
C ILE A 103 -30.29 6.53 9.30
N LEU A 104 -29.66 6.04 8.25
CA LEU A 104 -28.93 4.74 8.33
C LEU A 104 -27.42 4.94 8.48
N LEU A 105 -26.84 6.09 8.18
CA LEU A 105 -25.37 6.28 8.37
C LEU A 105 -24.95 5.88 9.80
N PRO A 106 -25.69 6.26 10.86
CA PRO A 106 -25.28 5.88 12.22
C PRO A 106 -25.20 4.37 12.46
N SER A 107 -25.88 3.57 11.65
CA SER A 107 -25.87 2.09 11.71
C SER A 107 -24.53 1.57 11.23
N PHE A 108 -23.64 2.41 10.71
CA PHE A 108 -22.30 2.00 10.22
C PHE A 108 -21.21 2.75 10.99
N SER A 109 -21.56 3.32 12.13
CA SER A 109 -20.60 4.03 13.03
C SER A 109 -19.68 3.00 13.68
N GLN A 110 -18.56 3.47 14.22
CA GLN A 110 -17.65 2.58 14.99
C GLN A 110 -18.42 1.96 16.15
N GLN A 111 -19.28 2.69 16.84
CA GLN A 111 -20.08 2.13 17.96
C GLN A 111 -21.00 1.02 17.43
N ALA A 112 -21.68 1.23 16.31
CA ALA A 112 -22.54 0.20 15.69
C ALA A 112 -21.70 -1.04 15.34
N MET A 113 -20.53 -0.85 14.75
CA MET A 113 -19.66 -1.96 14.30
C MET A 113 -19.24 -2.78 15.52
N LYS A 114 -18.92 -2.14 16.63
CA LYS A 114 -18.54 -2.89 17.85
C LYS A 114 -19.75 -3.71 18.30
N GLY A 115 -20.94 -3.17 18.11
CA GLY A 115 -22.20 -3.85 18.44
C GLY A 115 -22.48 -5.02 17.53
N TYR A 116 -22.07 -4.99 16.27
CA TYR A 116 -22.33 -6.12 15.33
C TYR A 116 -21.34 -7.27 15.53
N HIS A 117 -20.20 -6.99 16.16
CA HIS A 117 -19.04 -7.90 16.15
C HIS A 117 -19.44 -9.29 16.64
N ALA A 118 -20.11 -9.37 17.79
CA ALA A 118 -20.41 -10.70 18.37
C ALA A 118 -21.24 -11.53 17.41
N MET A 119 -22.18 -10.92 16.71
CA MET A 119 -23.03 -11.70 15.76
C MET A 119 -22.22 -12.06 14.52
N MET A 120 -21.28 -11.23 14.09
CA MET A 120 -20.37 -11.65 12.99
C MET A 120 -19.61 -12.89 13.45
N VAL A 121 -19.13 -12.89 14.69
CA VAL A 121 -18.37 -14.07 15.21
C VAL A 121 -19.30 -15.30 15.24
N ASP A 122 -20.56 -15.15 15.60
CA ASP A 122 -21.52 -16.29 15.64
C ASP A 122 -21.48 -16.99 14.28
N ILE A 123 -21.58 -16.24 13.19
CA ILE A 123 -21.65 -16.86 11.84
C ILE A 123 -20.26 -17.37 11.45
N ALA A 124 -19.21 -16.62 11.73
CA ALA A 124 -17.83 -17.05 11.39
C ALA A 124 -17.50 -18.38 12.07
N VAL A 125 -17.91 -18.55 13.31
CA VAL A 125 -17.69 -19.81 14.06
C VAL A 125 -18.46 -20.92 13.35
N GLN A 126 -19.67 -20.66 12.89
CA GLN A 126 -20.39 -21.70 12.11
C GLN A 126 -19.60 -22.12 10.88
N LEU A 127 -18.95 -21.19 10.18
CA LEU A 127 -18.15 -21.55 8.99
C LEU A 127 -16.98 -22.43 9.43
N VAL A 128 -16.26 -22.00 10.45
CA VAL A 128 -15.04 -22.73 10.89
C VAL A 128 -15.46 -24.14 11.34
N GLN A 129 -16.55 -24.26 12.08
N GLN A 129 -16.55 -24.26 12.08
CA GLN A 129 -17.06 -25.58 12.54
CA GLN A 129 -17.06 -25.58 12.56
C GLN A 129 -17.42 -26.46 11.35
C GLN A 129 -17.42 -26.46 11.35
N LYS A 130 -18.05 -25.90 10.32
CA LYS A 130 -18.38 -26.69 9.13
C LYS A 130 -17.10 -27.31 8.57
N TRP A 131 -16.06 -26.49 8.37
CA TRP A 131 -14.82 -26.97 7.74
C TRP A 131 -14.07 -27.92 8.68
N GLU A 132 -14.08 -27.67 9.99
CA GLU A 132 -13.44 -28.59 10.95
C GLU A 132 -14.09 -29.99 10.85
N ARG A 133 -15.37 -30.05 10.54
CA ARG A 133 -16.16 -31.31 10.59
C ARG A 133 -16.10 -32.05 9.26
N LEU A 134 -15.44 -31.52 8.23
CA LEU A 134 -15.28 -32.28 6.96
C LEU A 134 -14.38 -33.49 7.19
N ASN A 135 -14.63 -34.55 6.44
CA ASN A 135 -13.80 -35.77 6.45
C ASN A 135 -12.59 -35.58 5.53
N ALA A 136 -11.66 -36.54 5.63
CA ALA A 136 -10.44 -36.65 4.80
C ALA A 136 -10.77 -36.45 3.32
N ASP A 137 -10.04 -35.56 2.66
CA ASP A 137 -10.08 -35.39 1.19
C ASP A 137 -11.44 -34.86 0.70
N GLU A 138 -12.36 -34.50 1.59
CA GLU A 138 -13.53 -33.70 1.19
C GLU A 138 -13.02 -32.30 0.86
N HIS A 139 -13.79 -31.57 0.06
CA HIS A 139 -13.36 -30.22 -0.34
C HIS A 139 -14.43 -29.21 0.07
N ILE A 140 -14.06 -27.96 -0.09
CA ILE A 140 -14.91 -26.78 0.17
C ILE A 140 -15.29 -26.16 -1.16
N GLU A 141 -16.59 -25.86 -1.30
CA GLU A 141 -17.15 -25.04 -2.39
C GLU A 141 -17.06 -23.60 -1.92
N VAL A 142 -16.05 -22.88 -2.38
CA VAL A 142 -15.69 -21.58 -1.72
C VAL A 142 -16.79 -20.53 -1.88
N PRO A 143 -17.19 -20.10 -3.09
CA PRO A 143 -18.20 -19.05 -3.19
C PRO A 143 -19.53 -19.44 -2.53
N GLU A 144 -19.86 -20.74 -2.59
CA GLU A 144 -21.10 -21.24 -1.95
C GLU A 144 -21.04 -20.99 -0.44
N ASP A 145 -19.93 -21.36 0.20
CA ASP A 145 -19.80 -21.19 1.65
C ASP A 145 -19.63 -19.71 2.01
N MET A 146 -18.97 -18.92 1.17
CA MET A 146 -18.82 -17.48 1.47
C MET A 146 -20.19 -16.82 1.39
N THR A 147 -21.07 -17.24 0.47
CA THR A 147 -22.45 -16.73 0.39
C THR A 147 -23.26 -17.16 1.60
N ARG A 148 -23.08 -18.40 2.08
CA ARG A 148 -23.73 -18.82 3.34
C ARG A 148 -23.31 -17.87 4.46
N LEU A 149 -22.02 -17.59 4.55
CA LEU A 149 -21.54 -16.75 5.64
C LEU A 149 -22.07 -15.32 5.50
N THR A 150 -21.94 -14.72 4.33
CA THR A 150 -22.23 -13.26 4.23
C THR A 150 -23.72 -13.00 4.31
N LEU A 151 -24.55 -13.84 3.69
CA LEU A 151 -26.00 -13.67 3.83
C LEU A 151 -26.38 -13.80 5.30
N ASP A 152 -25.85 -14.82 5.98
CA ASP A 152 -26.26 -15.03 7.38
C ASP A 152 -25.81 -13.86 8.23
N THR A 153 -24.65 -13.29 7.90
CA THR A 153 -24.10 -12.18 8.72
C THR A 153 -24.99 -10.93 8.58
N ILE A 154 -25.36 -10.55 7.37
CA ILE A 154 -26.23 -9.36 7.23
C ILE A 154 -27.59 -9.67 7.82
N GLY A 155 -28.10 -10.90 7.68
CA GLY A 155 -29.41 -11.23 8.25
C GLY A 155 -29.40 -11.07 9.76
N LEU A 156 -28.39 -11.61 10.42
CA LEU A 156 -28.36 -11.63 11.90
C LEU A 156 -27.99 -10.24 12.42
N CYS A 157 -26.88 -9.67 11.94
CA CYS A 157 -26.42 -8.35 12.42
C CYS A 157 -27.44 -7.28 12.08
N GLY A 158 -27.99 -7.30 10.86
CA GLY A 158 -28.86 -6.23 10.37
C GLY A 158 -30.27 -6.37 10.89
N PHE A 159 -30.80 -7.59 10.99
CA PHE A 159 -32.26 -7.82 11.08
C PHE A 159 -32.62 -8.82 12.17
N ASN A 160 -31.63 -9.30 12.93
CA ASN A 160 -31.84 -10.35 13.95
C ASN A 160 -32.63 -11.52 13.34
N TYR A 161 -32.30 -11.90 12.13
CA TYR A 161 -33.00 -12.98 11.38
C TYR A 161 -31.96 -14.01 11.01
N ARG A 162 -32.24 -15.27 11.28
CA ARG A 162 -31.29 -16.36 10.95
C ARG A 162 -31.70 -17.04 9.64
N PHE A 163 -30.93 -16.84 8.58
CA PHE A 163 -31.13 -17.58 7.33
C PHE A 163 -30.72 -19.05 7.53
N ASN A 164 -29.88 -19.33 8.51
CA ASN A 164 -29.45 -20.73 8.80
C ASN A 164 -28.91 -21.38 7.54
N SER A 165 -28.08 -20.66 6.78
CA SER A 165 -27.54 -21.17 5.49
C SER A 165 -26.63 -22.37 5.70
N PHE A 166 -25.96 -22.47 6.84
CA PHE A 166 -25.04 -23.62 7.12
C PHE A 166 -25.85 -24.87 7.46
N TYR A 167 -27.18 -24.80 7.56
CA TYR A 167 -28.06 -25.98 7.78
C TYR A 167 -28.57 -26.50 6.45
N ARG A 168 -28.10 -25.95 5.33
CA ARG A 168 -28.63 -26.26 3.99
C ARG A 168 -27.50 -26.73 3.08
N ASP A 169 -27.75 -27.76 2.29
CA ASP A 169 -26.82 -28.26 1.26
C ASP A 169 -27.10 -27.49 -0.04
N GLN A 170 -28.32 -26.98 -0.19
CA GLN A 170 -28.75 -26.20 -1.38
C GLN A 170 -28.69 -24.73 -1.02
N PRO A 171 -28.48 -23.81 -1.99
CA PRO A 171 -28.54 -22.40 -1.68
C PRO A 171 -29.88 -22.06 -1.01
N HIS A 172 -29.86 -21.10 -0.10
CA HIS A 172 -31.07 -20.55 0.52
C HIS A 172 -32.04 -20.07 -0.57
N PRO A 173 -33.36 -20.33 -0.48
CA PRO A 173 -34.33 -19.86 -1.48
C PRO A 173 -34.23 -18.37 -1.82
N PHE A 174 -33.91 -17.53 -0.84
CA PHE A 174 -33.71 -16.09 -1.08
C PHE A 174 -32.56 -15.90 -2.08
N ILE A 175 -31.48 -16.66 -1.93
CA ILE A 175 -30.30 -16.60 -2.83
C ILE A 175 -30.72 -17.06 -4.23
N THR A 176 -31.44 -18.17 -4.34
CA THR A 176 -31.85 -18.70 -5.66
C THR A 176 -32.60 -17.61 -6.42
N SER A 177 -33.55 -16.95 -5.75
CA SER A 177 -34.40 -15.89 -6.35
C SER A 177 -33.55 -14.64 -6.62
N MET A 178 -32.69 -14.25 -5.68
CA MET A 178 -31.84 -13.04 -5.90
C MET A 178 -30.96 -13.27 -7.13
N VAL A 179 -30.28 -14.41 -7.20
CA VAL A 179 -29.33 -14.68 -8.30
C VAL A 179 -30.11 -14.68 -9.61
N ARG A 180 -31.31 -15.26 -9.63
CA ARG A 180 -32.09 -15.35 -10.89
C ARG A 180 -32.60 -13.95 -11.28
N ALA A 181 -32.91 -13.08 -10.32
CA ALA A 181 -33.30 -11.67 -10.57
C ALA A 181 -32.10 -10.88 -11.11
N LEU A 182 -30.91 -11.02 -10.51
CA LEU A 182 -29.70 -10.30 -10.95
C LEU A 182 -29.30 -10.78 -12.35
N ASP A 183 -29.41 -12.09 -12.58
CA ASP A 183 -29.07 -12.70 -13.89
C ASP A 183 -30.04 -12.16 -14.94
N GLU A 184 -31.31 -12.01 -14.61
CA GLU A 184 -32.33 -11.47 -15.53
C GLU A 184 -31.99 -10.02 -15.84
N ALA A 185 -31.68 -9.20 -14.83
CA ALA A 185 -31.25 -7.79 -15.03
C ALA A 185 -30.06 -7.78 -15.99
N MET A 186 -29.07 -8.65 -15.78
CA MET A 186 -27.86 -8.66 -16.63
C MET A 186 -28.23 -9.08 -18.05
N ASN A 187 -29.03 -10.12 -18.20
CA ASN A 187 -29.46 -10.65 -19.53
C ASN A 187 -30.29 -9.59 -20.24
N LYS A 188 -31.03 -8.77 -19.50
CA LYS A 188 -31.91 -7.74 -20.12
C LYS A 188 -31.07 -6.63 -20.75
N LEU A 189 -29.80 -6.48 -20.35
CA LEU A 189 -28.92 -5.39 -20.86
C LEU A 189 -28.80 -5.49 -22.39
N GLN A 190 -28.86 -6.69 -22.95
CA GLN A 190 -28.63 -6.89 -24.41
C GLN A 190 -29.95 -6.76 -25.21
N ARG A 191 -31.13 -6.65 -24.59
CA ARG A 191 -32.43 -6.81 -25.32
C ARG A 191 -32.80 -5.51 -26.01
N ALA A 192 -32.82 -5.52 -27.35
CA ALA A 192 -33.25 -4.38 -28.18
C ALA A 192 -34.77 -4.17 -28.02
N ASN A 193 -35.54 -5.25 -27.89
CA ASN A 193 -37.02 -5.21 -27.76
C ASN A 193 -37.44 -5.98 -26.51
N PRO A 194 -37.32 -5.37 -25.31
CA PRO A 194 -37.61 -6.07 -24.05
C PRO A 194 -39.07 -6.55 -23.90
N ASP A 195 -40.00 -6.05 -24.73
CA ASP A 195 -41.44 -6.38 -24.65
C ASP A 195 -41.84 -7.40 -25.74
N ASP A 196 -40.86 -7.91 -26.48
CA ASP A 196 -41.05 -9.06 -27.41
C ASP A 196 -41.63 -10.24 -26.61
N PRO A 197 -42.68 -10.94 -27.10
CA PRO A 197 -43.33 -12.01 -26.34
C PRO A 197 -42.43 -13.21 -26.00
N ALA A 198 -41.25 -13.31 -26.63
CA ALA A 198 -40.22 -14.33 -26.36
C ALA A 198 -39.71 -14.20 -24.92
N TYR A 199 -39.88 -13.03 -24.29
CA TYR A 199 -39.38 -12.71 -22.93
C TYR A 199 -40.50 -12.82 -21.90
N ASP A 200 -41.67 -13.33 -22.27
CA ASP A 200 -42.85 -13.40 -21.37
C ASP A 200 -42.52 -14.30 -20.18
N GLU A 201 -41.80 -15.40 -20.43
CA GLU A 201 -41.41 -16.38 -19.38
C GLU A 201 -40.36 -15.74 -18.47
N ASN A 202 -39.44 -14.95 -19.05
CA ASN A 202 -38.41 -14.20 -18.28
C ASN A 202 -39.10 -13.27 -17.29
N LYS A 203 -40.12 -12.54 -17.77
CA LYS A 203 -40.91 -11.57 -16.98
C LYS A 203 -41.69 -12.29 -15.87
N ARG A 204 -42.35 -13.40 -16.20
CA ARG A 204 -43.08 -14.20 -15.19
C ARG A 204 -42.11 -14.64 -14.09
N GLN A 205 -40.95 -15.20 -14.46
CA GLN A 205 -39.95 -15.74 -13.48
C GLN A 205 -39.42 -14.57 -12.65
N PHE A 206 -39.16 -13.42 -13.27
CA PHE A 206 -38.66 -12.20 -12.56
C PHE A 206 -39.65 -11.80 -11.47
N GLN A 207 -40.94 -11.71 -11.80
CA GLN A 207 -42.01 -11.37 -10.83
C GLN A 207 -42.06 -12.41 -9.71
N GLU A 208 -41.93 -13.71 -10.03
CA GLU A 208 -41.93 -14.78 -9.01
C GLU A 208 -40.76 -14.58 -8.03
N ASP A 209 -39.58 -14.28 -8.56
CA ASP A 209 -38.34 -14.09 -7.76
C ASP A 209 -38.49 -12.84 -6.88
N ILE A 210 -39.08 -11.78 -7.43
CA ILE A 210 -39.35 -10.55 -6.64
C ILE A 210 -40.30 -10.92 -5.48
N LYS A 211 -41.32 -11.75 -5.74
CA LYS A 211 -42.28 -12.14 -4.68
C LYS A 211 -41.58 -12.96 -3.58
N VAL A 212 -40.68 -13.87 -3.95
CA VAL A 212 -39.91 -14.67 -2.94
C VAL A 212 -39.17 -13.67 -2.04
N MET A 213 -38.49 -12.69 -2.64
CA MET A 213 -37.67 -11.74 -1.84
C MET A 213 -38.59 -10.92 -0.93
N ASN A 214 -39.72 -10.46 -1.44
CA ASN A 214 -40.67 -9.62 -0.67
C ASN A 214 -41.34 -10.43 0.45
N ASP A 215 -41.63 -11.71 0.22
CA ASP A 215 -42.24 -12.55 1.29
C ASP A 215 -41.27 -12.65 2.46
N LEU A 216 -39.99 -12.77 2.19
CA LEU A 216 -38.94 -12.84 3.24
C LEU A 216 -38.90 -11.49 3.97
N VAL A 217 -38.90 -10.38 3.23
CA VAL A 217 -38.97 -9.03 3.87
C VAL A 217 -40.19 -8.96 4.79
N ASP A 218 -41.37 -9.41 4.33
CA ASP A 218 -42.60 -9.43 5.17
C ASP A 218 -42.34 -10.15 6.50
N LYS A 219 -41.70 -11.31 6.42
CA LYS A 219 -41.43 -12.19 7.60
C LYS A 219 -40.50 -11.43 8.55
N ILE A 220 -39.45 -10.80 8.04
CA ILE A 220 -38.47 -10.07 8.89
C ILE A 220 -39.19 -8.95 9.67
N ILE A 221 -40.05 -8.20 8.99
CA ILE A 221 -40.79 -7.07 9.59
C ILE A 221 -41.74 -7.63 10.66
N ALA A 222 -42.46 -8.71 10.33
CA ALA A 222 -43.46 -9.34 11.23
C ALA A 222 -42.75 -9.89 12.48
N ASP A 223 -41.60 -10.57 12.29
CA ASP A 223 -40.80 -11.14 13.40
C ASP A 223 -40.36 -10.03 14.35
N ARG A 224 -39.92 -8.89 13.83
CA ARG A 224 -39.48 -7.76 14.68
C ARG A 224 -40.69 -7.19 15.45
N LYS A 225 -41.82 -7.01 14.77
CA LYS A 225 -43.06 -6.42 15.34
C LYS A 225 -43.58 -7.29 16.50
N ALA A 226 -43.39 -8.61 16.40
CA ALA A 226 -43.89 -9.62 17.35
C ALA A 226 -42.85 -9.94 18.42
N SER A 227 -41.67 -9.30 18.38
CA SER A 227 -40.49 -9.68 19.19
C SER A 227 -40.61 -9.12 20.62
N GLY A 228 -40.24 -9.94 21.61
CA GLY A 228 -40.10 -9.55 23.03
C GLY A 228 -38.67 -9.18 23.39
N GLU A 229 -37.73 -9.37 22.46
CA GLU A 229 -36.32 -8.91 22.58
C GLU A 229 -36.24 -7.42 22.18
N GLN A 230 -35.40 -6.64 22.86
CA GLN A 230 -35.05 -5.24 22.49
C GLN A 230 -33.78 -5.28 21.62
N SER A 231 -33.93 -5.08 20.32
CA SER A 231 -32.80 -4.97 19.35
C SER A 231 -32.41 -3.51 19.17
N ASP A 232 -31.17 -3.26 18.74
CA ASP A 232 -30.68 -1.92 18.34
C ASP A 232 -29.79 -2.13 17.11
N ASP A 233 -30.41 -2.54 16.00
CA ASP A 233 -29.68 -2.94 14.78
C ASP A 233 -30.16 -2.09 13.60
N LEU A 234 -29.77 -2.49 12.39
CA LEU A 234 -30.11 -1.74 11.18
C LEU A 234 -31.63 -1.61 11.05
N LEU A 235 -32.38 -2.68 11.30
CA LEU A 235 -33.86 -2.66 11.22
C LEU A 235 -34.45 -1.72 12.27
N THR A 236 -33.89 -1.67 13.47
CA THR A 236 -34.36 -0.70 14.50
C THR A 236 -34.34 0.71 13.90
N HIS A 237 -33.23 1.07 13.26
CA HIS A 237 -33.04 2.42 12.67
C HIS A 237 -34.03 2.63 11.53
N MET A 238 -34.24 1.63 10.67
CA MET A 238 -35.21 1.74 9.55
C MET A 238 -36.60 2.02 10.12
N LEU A 239 -37.00 1.30 11.19
CA LEU A 239 -38.39 1.33 11.68
C LEU A 239 -38.64 2.55 12.57
N ASN A 240 -37.60 3.11 13.22
CA ASN A 240 -37.80 4.14 14.27
C ASN A 240 -37.04 5.43 14.00
N GLY A 241 -35.96 5.39 13.22
CA GLY A 241 -35.02 6.52 13.12
C GLY A 241 -35.67 7.68 12.39
N LYS A 242 -35.38 8.91 12.83
CA LYS A 242 -35.86 10.11 12.13
C LYS A 242 -34.67 10.80 11.49
N ASP A 243 -34.85 11.23 10.25
CA ASP A 243 -33.84 12.03 9.55
C ASP A 243 -33.69 13.36 10.26
N PRO A 244 -32.49 13.74 10.78
CA PRO A 244 -32.33 15.01 11.45
C PRO A 244 -32.67 16.20 10.55
N GLU A 245 -32.49 16.09 9.23
CA GLU A 245 -32.70 17.23 8.31
C GLU A 245 -34.20 17.50 8.14
N THR A 246 -34.97 16.53 7.64
CA THR A 246 -36.42 16.68 7.42
C THR A 246 -37.21 16.48 8.71
N GLY A 247 -36.65 15.77 9.68
CA GLY A 247 -37.36 15.36 10.90
C GLY A 247 -38.30 14.18 10.67
N GLU A 248 -38.25 13.57 9.48
CA GLU A 248 -39.19 12.50 9.08
C GLU A 248 -38.53 11.13 9.22
N PRO A 249 -39.31 10.10 9.60
CA PRO A 249 -38.87 8.72 9.50
C PRO A 249 -39.15 8.20 8.08
N LEU A 250 -38.63 7.01 7.79
CA LEU A 250 -38.93 6.35 6.51
C LEU A 250 -40.39 5.87 6.52
N ASP A 251 -41.04 5.89 5.38
CA ASP A 251 -42.40 5.29 5.32
C ASP A 251 -42.28 3.79 5.07
N ASP A 252 -43.38 3.07 5.20
CA ASP A 252 -43.37 1.58 5.15
C ASP A 252 -42.86 1.14 3.78
N GLU A 253 -43.28 1.81 2.70
CA GLU A 253 -42.90 1.38 1.33
C GLU A 253 -41.37 1.47 1.20
N ASN A 254 -40.79 2.57 1.65
CA ASN A 254 -39.33 2.75 1.52
C ASN A 254 -38.58 1.76 2.43
N ILE A 255 -39.11 1.48 3.62
CA ILE A 255 -38.48 0.49 4.52
C ILE A 255 -38.37 -0.86 3.80
N ARG A 256 -39.41 -1.29 3.10
CA ARG A 256 -39.39 -2.59 2.41
C ARG A 256 -38.27 -2.56 1.37
N TYR A 257 -38.13 -1.47 0.63
CA TYR A 257 -37.07 -1.34 -0.39
C TYR A 257 -35.70 -1.34 0.29
N GLN A 258 -35.54 -0.71 1.44
CA GLN A 258 -34.24 -0.70 2.13
C GLN A 258 -33.91 -2.12 2.60
N ILE A 259 -34.87 -2.87 3.10
CA ILE A 259 -34.53 -4.25 3.59
C ILE A 259 -34.08 -5.10 2.40
N ILE A 260 -34.76 -5.07 1.27
CA ILE A 260 -34.30 -5.83 0.07
C ILE A 260 -32.90 -5.35 -0.31
N THR A 261 -32.70 -4.04 -0.31
CA THR A 261 -31.43 -3.42 -0.73
C THR A 261 -30.30 -3.93 0.16
N PHE A 262 -30.47 -3.87 1.46
CA PHE A 262 -29.38 -4.23 2.40
C PHE A 262 -29.16 -5.75 2.40
N LEU A 263 -30.19 -6.55 2.19
CA LEU A 263 -29.96 -8.01 2.17
C LEU A 263 -29.10 -8.35 0.94
N ILE A 264 -29.28 -7.66 -0.18
CA ILE A 264 -28.54 -7.97 -1.42
C ILE A 264 -27.18 -7.28 -1.39
N ALA A 265 -27.18 -5.96 -1.34
CA ALA A 265 -25.93 -5.18 -1.32
C ALA A 265 -25.09 -5.55 -0.11
N GLY A 266 -25.75 -5.96 1.00
CA GLY A 266 -25.05 -6.25 2.26
C GLY A 266 -24.47 -7.64 2.31
N HIS A 267 -24.55 -8.44 1.25
CA HIS A 267 -23.82 -9.75 1.30
C HIS A 267 -23.17 -10.13 -0.02
N GLU A 268 -23.78 -9.87 -1.16
CA GLU A 268 -23.33 -10.56 -2.40
C GLU A 268 -21.88 -10.20 -2.70
N THR A 269 -21.55 -8.91 -2.68
CA THR A 269 -20.22 -8.41 -3.06
C THR A 269 -19.17 -8.81 -2.01
N THR A 270 -19.58 -9.01 -0.76
CA THR A 270 -18.65 -9.46 0.30
C THR A 270 -18.34 -10.94 0.07
N SER A 271 -19.31 -11.71 -0.37
CA SER A 271 -19.06 -13.13 -0.74
C SER A 271 -18.05 -13.19 -1.89
N GLY A 272 -18.23 -12.33 -2.89
CA GLY A 272 -17.28 -12.22 -4.00
C GLY A 272 -15.88 -11.90 -3.50
N LEU A 273 -15.78 -10.88 -2.63
CA LEU A 273 -14.47 -10.43 -2.11
C LEU A 273 -13.78 -11.60 -1.40
N LEU A 274 -14.48 -12.27 -0.51
CA LEU A 274 -13.84 -13.37 0.26
C LEU A 274 -13.41 -14.46 -0.71
N SER A 275 -14.21 -14.75 -1.70
CA SER A 275 -13.90 -15.83 -2.68
C SER A 275 -12.67 -15.45 -3.50
N PHE A 276 -12.61 -14.22 -4.00
CA PHE A 276 -11.41 -13.76 -4.74
C PHE A 276 -10.19 -13.72 -3.83
N ALA A 277 -10.34 -13.25 -2.59
CA ALA A 277 -9.18 -13.19 -1.68
C ALA A 277 -8.61 -14.61 -1.47
N LEU A 278 -9.47 -15.59 -1.20
CA LEU A 278 -8.94 -16.94 -0.96
C LEU A 278 -8.32 -17.48 -2.26
N TYR A 279 -8.89 -17.19 -3.42
CA TYR A 279 -8.31 -17.56 -4.72
C TYR A 279 -6.88 -17.01 -4.80
N PHE A 280 -6.71 -15.72 -4.57
CA PHE A 280 -5.37 -15.11 -4.70
C PHE A 280 -4.42 -15.70 -3.65
N LEU A 281 -4.92 -15.98 -2.44
CA LEU A 281 -4.03 -16.55 -1.41
C LEU A 281 -3.52 -17.93 -1.86
N VAL A 282 -4.38 -18.80 -2.35
CA VAL A 282 -3.89 -20.16 -2.70
C VAL A 282 -3.03 -20.09 -3.96
N LYS A 283 -3.16 -19.09 -4.79
CA LYS A 283 -2.29 -18.92 -5.98
C LYS A 283 -0.99 -18.21 -5.63
N ASN A 284 -0.86 -17.66 -4.43
CA ASN A 284 0.32 -16.87 -4.03
C ASN A 284 0.72 -17.32 -2.64
N PRO A 285 1.34 -18.49 -2.51
CA PRO A 285 1.61 -19.05 -1.20
C PRO A 285 2.46 -18.18 -0.26
N HIS A 286 3.34 -17.32 -0.77
CA HIS A 286 4.12 -16.43 0.13
C HIS A 286 3.17 -15.41 0.76
N VAL A 287 2.19 -14.96 0.00
CA VAL A 287 1.19 -14.01 0.55
C VAL A 287 0.33 -14.74 1.58
N LEU A 288 -0.08 -15.96 1.27
CA LEU A 288 -0.83 -16.77 2.25
C LEU A 288 0.01 -16.91 3.54
N GLN A 289 1.31 -17.20 3.45
CA GLN A 289 2.17 -17.37 4.65
C GLN A 289 2.12 -16.09 5.46
N LYS A 290 2.26 -14.94 4.80
CA LYS A 290 2.31 -13.66 5.54
C LYS A 290 0.98 -13.46 6.25
N ALA A 291 -0.13 -13.69 5.58
CA ALA A 291 -1.47 -13.46 6.15
C ALA A 291 -1.71 -14.45 7.28
N ALA A 292 -1.32 -15.71 7.11
CA ALA A 292 -1.52 -16.74 8.14
C ALA A 292 -0.65 -16.44 9.35
N GLU A 293 0.56 -15.95 9.11
CA GLU A 293 1.47 -15.60 10.26
C GLU A 293 0.82 -14.47 11.05
N GLU A 294 0.27 -13.47 10.37
CA GLU A 294 -0.37 -12.35 11.08
C GLU A 294 -1.56 -12.89 11.88
N ALA A 295 -2.41 -13.70 11.27
CA ALA A 295 -3.61 -14.25 11.95
C ALA A 295 -3.18 -15.00 13.22
N ALA A 296 -2.16 -15.82 13.13
CA ALA A 296 -1.65 -16.57 14.30
C ALA A 296 -1.10 -15.63 15.37
N ARG A 297 -0.37 -14.59 14.98
CA ARG A 297 0.28 -13.65 15.94
C ARG A 297 -0.79 -12.78 16.62
N VAL A 298 -1.86 -12.43 15.92
CA VAL A 298 -2.84 -11.42 16.39
C VAL A 298 -4.03 -12.10 17.07
N LEU A 299 -4.58 -13.14 16.48
CA LEU A 299 -5.85 -13.75 16.97
C LEU A 299 -5.51 -14.77 18.06
N VAL A 300 -5.09 -14.28 19.24
CA VAL A 300 -4.52 -15.12 20.32
C VAL A 300 -5.63 -15.70 21.20
N ASP A 301 -6.89 -15.35 20.97
CA ASP A 301 -8.02 -15.84 21.80
C ASP A 301 -8.94 -16.70 20.94
N PRO A 302 -9.68 -17.66 21.54
CA PRO A 302 -10.55 -18.51 20.75
C PRO A 302 -11.62 -17.73 19.97
N VAL A 303 -12.07 -16.63 20.55
CA VAL A 303 -13.10 -15.70 20.02
C VAL A 303 -12.35 -14.43 19.64
N PRO A 304 -12.21 -14.04 18.36
CA PRO A 304 -11.57 -12.76 18.04
C PRO A 304 -12.36 -11.57 18.59
N SER A 305 -11.64 -10.58 19.13
CA SER A 305 -12.24 -9.33 19.61
C SER A 305 -12.29 -8.32 18.45
N TYR A 306 -13.10 -7.29 18.62
CA TYR A 306 -13.16 -6.15 17.68
C TYR A 306 -11.76 -5.58 17.48
N LYS A 307 -11.05 -5.32 18.57
CA LYS A 307 -9.70 -4.69 18.51
C LYS A 307 -8.73 -5.59 17.74
N GLN A 308 -8.83 -6.90 17.93
CA GLN A 308 -7.91 -7.85 17.25
C GLN A 308 -8.18 -7.78 15.74
N VAL A 309 -9.45 -7.68 15.34
CA VAL A 309 -9.73 -7.62 13.87
C VAL A 309 -9.13 -6.33 13.32
N LYS A 310 -9.23 -5.22 14.05
CA LYS A 310 -8.62 -3.95 13.59
C LYS A 310 -7.10 -4.06 13.48
N GLN A 311 -6.50 -4.98 14.22
CA GLN A 311 -5.03 -5.19 14.24
C GLN A 311 -4.55 -5.98 13.02
N LEU A 312 -5.46 -6.61 12.25
CA LEU A 312 -5.06 -7.48 11.11
C LEU A 312 -4.76 -6.63 9.87
N LYS A 313 -3.68 -5.86 9.93
CA LYS A 313 -3.31 -4.93 8.85
C LYS A 313 -3.06 -5.70 7.55
N TYR A 314 -2.25 -6.76 7.60
CA TYR A 314 -1.88 -7.49 6.37
C TYR A 314 -3.11 -8.15 5.75
N VAL A 315 -3.97 -8.75 6.58
CA VAL A 315 -5.23 -9.33 6.04
C VAL A 315 -6.00 -8.23 5.30
N GLY A 316 -6.08 -7.04 5.89
CA GLY A 316 -6.72 -5.88 5.24
C GLY A 316 -6.07 -5.56 3.91
N MET A 317 -4.75 -5.61 3.80
CA MET A 317 -4.03 -5.33 2.55
C MET A 317 -4.37 -6.42 1.52
N VAL A 318 -4.45 -7.67 1.93
CA VAL A 318 -4.89 -8.76 1.02
C VAL A 318 -6.26 -8.42 0.47
N LEU A 319 -7.18 -8.02 1.34
CA LEU A 319 -8.56 -7.74 0.86
C LEU A 319 -8.54 -6.57 -0.12
N ASN A 320 -7.82 -5.51 0.18
CA ASN A 320 -7.74 -4.34 -0.74
C ASN A 320 -7.12 -4.77 -2.08
N GLU A 321 -6.12 -5.64 -2.10
CA GLU A 321 -5.49 -6.05 -3.36
C GLU A 321 -6.46 -6.94 -4.15
N ALA A 322 -7.28 -7.75 -3.46
CA ALA A 322 -8.34 -8.51 -4.14
C ALA A 322 -9.37 -7.57 -4.75
N LEU A 323 -9.74 -6.51 -4.05
CA LEU A 323 -10.67 -5.49 -4.59
C LEU A 323 -10.01 -4.71 -5.72
N ARG A 324 -8.68 -4.59 -5.70
CA ARG A 324 -8.01 -3.90 -6.82
C ARG A 324 -8.22 -4.72 -8.08
N LEU A 325 -7.87 -5.99 -8.07
CA LEU A 325 -7.96 -6.81 -9.28
C LEU A 325 -9.42 -7.11 -9.66
N TRP A 326 -10.28 -7.44 -8.69
CA TRP A 326 -11.65 -7.89 -8.99
C TRP A 326 -12.67 -7.21 -8.09
N PRO A 327 -12.89 -5.90 -8.28
CA PRO A 327 -13.88 -5.17 -7.50
C PRO A 327 -15.24 -5.80 -7.82
N THR A 328 -15.96 -6.25 -6.80
CA THR A 328 -17.07 -7.19 -7.02
C THR A 328 -18.36 -6.48 -7.42
N ALA A 329 -18.45 -5.16 -7.26
CA ALA A 329 -19.49 -4.33 -7.91
C ALA A 329 -18.76 -3.50 -8.95
N PRO A 330 -18.54 -4.05 -10.16
CA PRO A 330 -17.41 -3.61 -10.98
C PRO A 330 -17.57 -2.31 -11.78
N ALA A 331 -18.71 -1.66 -11.66
CA ALA A 331 -18.90 -0.40 -12.40
C ALA A 331 -19.91 0.47 -11.66
N PHE A 332 -19.82 1.76 -11.91
CA PHE A 332 -20.86 2.70 -11.49
C PHE A 332 -20.97 3.75 -12.58
N SER A 333 -22.11 4.41 -12.59
CA SER A 333 -22.53 5.30 -13.68
C SER A 333 -22.69 6.73 -13.15
N LEU A 334 -22.41 7.71 -14.00
CA LEU A 334 -22.49 9.15 -13.66
C LEU A 334 -23.20 9.89 -14.78
N TYR A 335 -23.79 11.04 -14.50
CA TYR A 335 -24.27 11.96 -15.55
C TYR A 335 -23.68 13.34 -15.27
N ALA A 336 -23.51 14.11 -16.36
CA ALA A 336 -23.01 15.49 -16.32
C ALA A 336 -24.12 16.39 -15.78
N LYS A 337 -23.84 17.09 -14.69
CA LYS A 337 -24.80 18.03 -14.04
C LYS A 337 -25.04 19.22 -14.98
N GLU A 338 -24.00 19.59 -15.75
CA GLU A 338 -24.01 20.73 -16.68
C GLU A 338 -23.06 20.40 -17.84
N ASP A 339 -23.16 21.13 -18.94
CA ASP A 339 -22.16 21.02 -20.04
C ASP A 339 -20.77 21.17 -19.41
N THR A 340 -19.82 20.34 -19.83
CA THR A 340 -18.45 20.36 -19.26
C THR A 340 -17.53 19.63 -20.23
N VAL A 341 -16.23 19.91 -20.15
CA VAL A 341 -15.24 19.23 -21.00
C VAL A 341 -14.47 18.26 -20.10
N LEU A 342 -14.51 16.99 -20.48
CA LEU A 342 -13.79 15.93 -19.76
C LEU A 342 -12.37 15.84 -20.30
N GLY A 343 -11.38 15.95 -19.41
CA GLY A 343 -9.97 15.70 -19.74
C GLY A 343 -9.42 16.69 -20.75
N GLY A 344 -10.07 17.85 -20.89
CA GLY A 344 -9.67 18.92 -21.84
C GLY A 344 -9.90 18.52 -23.28
N GLU A 345 -10.57 17.39 -23.54
CA GLU A 345 -10.60 16.76 -24.89
C GLU A 345 -11.99 16.32 -25.30
N TYR A 346 -12.87 15.98 -24.35
CA TYR A 346 -14.16 15.32 -24.65
C TYR A 346 -15.29 16.21 -24.14
N PRO A 347 -15.89 17.05 -25.00
CA PRO A 347 -16.99 17.89 -24.59
C PRO A 347 -18.21 17.02 -24.26
N LEU A 348 -18.84 17.27 -23.12
CA LEU A 348 -20.10 16.60 -22.70
C LEU A 348 -21.20 17.64 -22.54
N GLU A 349 -22.41 17.25 -22.90
CA GLU A 349 -23.62 18.05 -22.63
C GLU A 349 -24.27 17.59 -21.33
N LYS A 350 -24.95 18.51 -20.66
CA LYS A 350 -25.81 18.22 -19.50
C LYS A 350 -26.57 16.93 -19.76
N GLY A 351 -26.50 15.98 -18.81
CA GLY A 351 -27.23 14.72 -18.87
C GLY A 351 -26.41 13.60 -19.50
N ASP A 352 -25.29 13.90 -20.16
CA ASP A 352 -24.48 12.85 -20.82
C ASP A 352 -24.00 11.86 -19.75
N GLU A 353 -23.98 10.59 -20.10
CA GLU A 353 -23.66 9.50 -19.13
C GLU A 353 -22.23 9.01 -19.31
N LEU A 354 -21.67 8.58 -18.19
CA LEU A 354 -20.34 7.90 -18.10
C LEU A 354 -20.53 6.60 -17.34
N MET A 355 -19.74 5.60 -17.70
CA MET A 355 -19.60 4.37 -16.89
C MET A 355 -18.14 4.32 -16.45
N VAL A 356 -17.91 4.12 -15.17
CA VAL A 356 -16.57 3.91 -14.60
C VAL A 356 -16.35 2.41 -14.57
N LEU A 357 -15.37 1.92 -15.32
CA LEU A 357 -15.02 0.49 -15.38
C LEU A 357 -13.95 0.23 -14.32
N ILE A 358 -14.38 -0.14 -13.11
CA ILE A 358 -13.47 -0.13 -11.93
C ILE A 358 -12.31 -1.10 -12.16
N PRO A 359 -12.49 -2.33 -12.69
CA PRO A 359 -11.35 -3.23 -12.86
C PRO A 359 -10.27 -2.62 -13.75
N GLN A 360 -10.67 -1.81 -14.75
CA GLN A 360 -9.68 -1.18 -15.65
C GLN A 360 -9.01 0.00 -14.98
N LEU A 361 -9.74 0.80 -14.21
CA LEU A 361 -9.13 1.86 -13.39
C LEU A 361 -8.00 1.24 -12.58
N HIS A 362 -8.28 0.09 -11.99
CA HIS A 362 -7.37 -0.58 -11.05
C HIS A 362 -6.20 -1.24 -11.79
N ARG A 363 -6.20 -1.22 -13.12
CA ARG A 363 -5.10 -1.74 -13.95
C ARG A 363 -4.39 -0.60 -14.69
N ASP A 364 -4.58 0.63 -14.25
CA ASP A 364 -3.98 1.81 -14.92
C ASP A 364 -2.47 1.81 -14.63
N LYS A 365 -1.68 1.43 -15.62
CA LYS A 365 -0.22 1.26 -15.38
C LYS A 365 0.42 2.60 -15.04
N THR A 366 -0.18 3.72 -15.40
CA THR A 366 0.42 5.05 -15.08
C THR A 366 0.38 5.28 -13.56
N ILE A 367 -0.55 4.62 -12.88
CA ILE A 367 -0.72 4.74 -11.40
C ILE A 367 0.04 3.63 -10.71
N TRP A 368 -0.18 2.38 -11.12
CA TRP A 368 0.21 1.21 -10.31
C TRP A 368 1.57 0.67 -10.74
N GLY A 369 2.08 1.09 -11.89
CA GLY A 369 3.28 0.47 -12.49
C GLY A 369 2.90 -0.63 -13.45
N ASP A 370 3.87 -1.27 -14.09
CA ASP A 370 3.59 -2.15 -15.25
C ASP A 370 3.04 -3.51 -14.76
N ASP A 371 3.28 -3.88 -13.50
CA ASP A 371 3.02 -5.23 -12.94
C ASP A 371 1.58 -5.35 -12.44
N VAL A 372 0.61 -4.74 -13.13
CA VAL A 372 -0.77 -4.57 -12.58
C VAL A 372 -1.48 -5.90 -12.39
N GLU A 373 -1.10 -6.96 -13.08
CA GLU A 373 -1.83 -8.25 -12.95
C GLU A 373 -1.31 -9.03 -11.75
N GLU A 374 -0.19 -8.63 -11.16
CA GLU A 374 0.40 -9.37 -10.03
C GLU A 374 -0.38 -9.06 -8.76
N PHE A 375 -0.54 -10.08 -7.93
CA PHE A 375 -1.21 -9.96 -6.61
C PHE A 375 -0.17 -9.58 -5.57
N ARG A 376 -0.15 -8.32 -5.18
CA ARG A 376 0.88 -7.75 -4.26
C ARG A 376 0.19 -6.88 -3.22
N PRO A 377 -0.22 -7.46 -2.07
CA PRO A 377 -0.84 -6.67 -1.00
C PRO A 377 0.00 -5.48 -0.54
N GLU A 378 1.31 -5.60 -0.69
CA GLU A 378 2.25 -4.53 -0.26
C GLU A 378 2.00 -3.22 -1.00
N ARG A 379 1.24 -3.21 -2.10
CA ARG A 379 0.81 -1.94 -2.73
C ARG A 379 0.09 -1.07 -1.71
N PHE A 380 -0.56 -1.68 -0.71
CA PHE A 380 -1.45 -1.03 0.28
C PHE A 380 -0.72 -0.83 1.63
N GLU A 381 0.59 -1.04 1.69
CA GLU A 381 1.37 -1.01 2.96
C GLU A 381 1.51 0.41 3.48
N ASN A 382 1.50 1.39 2.59
CA ASN A 382 1.62 2.85 2.93
C ASN A 382 0.41 3.53 2.30
N PRO A 383 -0.72 3.62 3.01
CA PRO A 383 -1.99 3.99 2.40
C PRO A 383 -2.03 5.30 1.59
N SER A 384 -1.34 6.33 2.08
CA SER A 384 -1.30 7.66 1.43
C SER A 384 -0.57 7.60 0.09
N ALA A 385 0.16 6.54 -0.21
CA ALA A 385 0.87 6.39 -1.50
C ALA A 385 -0.13 6.10 -2.64
N ILE A 386 -1.36 5.73 -2.33
CA ILE A 386 -2.37 5.50 -3.41
C ILE A 386 -2.87 6.86 -3.87
N PRO A 387 -2.70 7.25 -5.15
CA PRO A 387 -3.18 8.55 -5.60
C PRO A 387 -4.70 8.75 -5.41
N GLN A 388 -5.12 10.01 -5.33
CA GLN A 388 -6.56 10.34 -5.23
C GLN A 388 -7.33 9.72 -6.40
N HIS A 389 -8.43 9.05 -6.11
CA HIS A 389 -9.37 8.48 -7.09
C HIS A 389 -8.72 7.36 -7.93
N ALA A 390 -7.63 6.76 -7.48
CA ALA A 390 -7.02 5.60 -8.18
C ALA A 390 -7.67 4.27 -7.80
N PHE A 391 -8.34 4.22 -6.65
CA PHE A 391 -8.81 2.95 -6.04
C PHE A 391 -10.24 3.20 -5.59
N LYS A 392 -11.21 2.66 -6.32
CA LYS A 392 -12.63 3.02 -6.10
C LYS A 392 -13.54 1.80 -6.01
N PRO A 393 -13.19 0.74 -5.26
CA PRO A 393 -14.06 -0.43 -5.23
C PRO A 393 -15.40 -0.15 -4.52
N PHE A 394 -15.47 0.92 -3.74
CA PHE A 394 -16.68 1.30 -2.98
C PHE A 394 -17.34 2.56 -3.56
N GLY A 395 -17.07 2.87 -4.83
CA GLY A 395 -17.72 4.01 -5.50
C GLY A 395 -17.17 5.33 -5.02
N ASN A 396 -17.99 6.38 -5.05
CA ASN A 396 -17.48 7.76 -4.97
C ASN A 396 -18.40 8.67 -4.17
N GLY A 397 -17.78 9.48 -3.33
CA GLY A 397 -18.39 10.71 -2.76
C GLY A 397 -19.59 10.37 -1.89
N GLN A 398 -20.62 11.23 -1.90
CA GLN A 398 -21.77 11.00 -1.02
C GLN A 398 -22.55 9.75 -1.47
N ARG A 399 -22.34 9.28 -2.68
CA ARG A 399 -23.00 8.06 -3.19
C ARG A 399 -22.05 6.85 -3.09
N ALA A 400 -21.03 6.95 -2.25
CA ALA A 400 -20.13 5.81 -1.99
C ALA A 400 -20.86 4.78 -1.14
N CYS A 401 -20.29 3.59 -1.09
N CYS A 401 -20.28 3.60 -1.08
CA CYS A 401 -20.83 2.45 -0.30
CA CYS A 401 -20.83 2.47 -0.31
C CYS A 401 -21.02 2.84 1.16
C CYS A 401 -21.03 2.85 1.17
N ILE A 402 -22.25 2.74 1.67
CA ILE A 402 -22.51 3.04 3.10
C ILE A 402 -21.98 1.89 3.96
N GLY A 403 -21.83 0.70 3.39
CA GLY A 403 -21.51 -0.54 4.15
C GLY A 403 -20.03 -0.90 4.12
N GLN A 404 -19.16 -0.04 3.60
CA GLN A 404 -17.75 -0.40 3.38
C GLN A 404 -17.13 -0.93 4.67
N GLN A 405 -17.30 -0.24 5.78
CA GLN A 405 -16.63 -0.66 7.03
C GLN A 405 -17.21 -1.99 7.50
N PHE A 406 -18.50 -2.22 7.31
CA PHE A 406 -19.16 -3.50 7.68
C PHE A 406 -18.53 -4.62 6.85
N ALA A 407 -18.49 -4.46 5.54
CA ALA A 407 -17.94 -5.48 4.60
C ALA A 407 -16.50 -5.79 5.01
N LEU A 408 -15.69 -4.77 5.20
CA LEU A 408 -14.26 -5.00 5.48
C LEU A 408 -14.08 -5.61 6.88
N HIS A 409 -14.87 -5.23 7.87
CA HIS A 409 -14.74 -5.82 9.22
C HIS A 409 -15.09 -7.29 9.15
N GLU A 410 -16.23 -7.61 8.53
CA GLU A 410 -16.67 -9.02 8.34
C GLU A 410 -15.59 -9.79 7.60
N ALA A 411 -15.11 -9.28 6.48
CA ALA A 411 -14.19 -10.06 5.62
C ALA A 411 -12.87 -10.24 6.35
N THR A 412 -12.42 -9.24 7.08
CA THR A 412 -11.13 -9.32 7.81
C THR A 412 -11.26 -10.35 8.94
N LEU A 413 -12.36 -10.29 9.69
CA LEU A 413 -12.62 -11.26 10.78
C LEU A 413 -12.58 -12.68 10.20
N VAL A 414 -13.37 -12.90 9.16
CA VAL A 414 -13.58 -14.25 8.61
C VAL A 414 -12.30 -14.75 7.99
N LEU A 415 -11.65 -13.94 7.16
CA LEU A 415 -10.40 -14.41 6.51
C LEU A 415 -9.36 -14.65 7.60
N GLY A 416 -9.28 -13.81 8.62
CA GLY A 416 -8.34 -14.03 9.73
C GLY A 416 -8.62 -15.36 10.40
N MET A 417 -9.87 -15.67 10.70
CA MET A 417 -10.20 -16.94 11.38
C MET A 417 -9.89 -18.11 10.43
N MET A 418 -10.21 -17.99 9.15
CA MET A 418 -9.91 -19.06 8.17
C MET A 418 -8.40 -19.36 8.18
N LEU A 419 -7.58 -18.31 8.17
CA LEU A 419 -6.12 -18.50 8.07
C LEU A 419 -5.52 -18.93 9.41
N LYS A 420 -6.17 -18.60 10.52
CA LYS A 420 -5.75 -19.11 11.83
C LYS A 420 -5.99 -20.61 11.90
N HIS A 421 -7.13 -21.06 11.40
CA HIS A 421 -7.63 -22.42 11.74
C HIS A 421 -7.25 -23.49 10.71
N PHE A 422 -6.88 -23.14 9.49
CA PHE A 422 -6.67 -24.10 8.40
C PHE A 422 -5.46 -23.74 7.54
N ASP A 423 -4.82 -24.77 6.99
CA ASP A 423 -3.97 -24.66 5.78
C ASP A 423 -4.86 -24.96 4.58
N PHE A 424 -4.57 -24.33 3.44
CA PHE A 424 -5.40 -24.48 2.23
C PHE A 424 -4.60 -25.08 1.08
N GLU A 425 -5.26 -25.91 0.30
CA GLU A 425 -4.65 -26.55 -0.88
C GLU A 425 -5.54 -26.26 -2.09
N ASP A 426 -4.93 -25.76 -3.15
CA ASP A 426 -5.56 -25.62 -4.48
C ASP A 426 -5.42 -26.97 -5.18
N HIS A 427 -6.20 -27.95 -4.74
CA HIS A 427 -5.98 -29.38 -5.10
C HIS A 427 -6.31 -29.63 -6.57
N THR A 428 -7.13 -28.81 -7.21
CA THR A 428 -7.50 -28.95 -8.65
C THR A 428 -6.68 -28.04 -9.56
N ASN A 429 -5.75 -27.23 -9.03
CA ASN A 429 -5.09 -26.18 -9.84
C ASN A 429 -6.16 -25.40 -10.59
N TYR A 430 -7.06 -24.79 -9.81
CA TYR A 430 -8.30 -24.20 -10.32
C TYR A 430 -8.00 -23.07 -11.30
N GLU A 431 -8.68 -23.08 -12.45
CA GLU A 431 -8.57 -22.02 -13.47
C GLU A 431 -9.66 -21.00 -13.18
N LEU A 432 -9.26 -19.77 -12.94
CA LEU A 432 -10.23 -18.71 -12.56
C LEU A 432 -11.30 -18.60 -13.63
N ASP A 433 -12.54 -18.68 -13.18
CA ASP A 433 -13.74 -18.58 -14.03
C ASP A 433 -14.68 -17.64 -13.28
N ILE A 434 -14.86 -16.44 -13.79
CA ILE A 434 -15.61 -15.38 -13.08
C ILE A 434 -17.04 -15.36 -13.61
N LYS A 435 -17.97 -15.69 -12.72
CA LYS A 435 -19.41 -15.65 -13.05
C LYS A 435 -19.88 -14.22 -12.84
N GLU A 436 -20.72 -13.73 -13.73
CA GLU A 436 -21.29 -12.38 -13.65
C GLU A 436 -22.79 -12.46 -13.37
N THR A 437 -23.22 -11.67 -12.39
CA THR A 437 -24.63 -11.46 -12.04
C THR A 437 -24.78 -9.98 -11.73
N LEU A 438 -24.32 -9.12 -12.64
CA LEU A 438 -23.97 -7.69 -12.41
C LEU A 438 -22.68 -7.68 -11.58
N THR A 439 -22.75 -8.24 -10.38
CA THR A 439 -21.58 -8.47 -9.50
C THR A 439 -20.72 -9.61 -10.06
N LEU A 440 -19.49 -9.73 -9.54
CA LEU A 440 -18.52 -10.75 -10.00
C LEU A 440 -18.21 -11.72 -8.86
N LYS A 441 -18.01 -12.98 -9.20
CA LYS A 441 -17.58 -13.97 -8.18
C LYS A 441 -16.96 -15.15 -8.91
N PRO A 442 -15.89 -15.78 -8.39
CA PRO A 442 -15.40 -17.01 -8.97
C PRO A 442 -16.52 -18.06 -8.96
N GLU A 443 -16.55 -18.88 -10.01
CA GLU A 443 -17.45 -20.04 -10.13
C GLU A 443 -16.60 -21.31 -10.13
N GLY A 444 -17.04 -22.32 -9.39
CA GLY A 444 -16.39 -23.64 -9.39
C GLY A 444 -15.11 -23.67 -8.61
N PHE A 445 -14.83 -22.62 -7.84
CA PHE A 445 -13.60 -22.52 -7.03
C PHE A 445 -13.77 -23.44 -5.81
N VAL A 446 -12.88 -24.43 -5.73
CA VAL A 446 -12.86 -25.46 -4.65
C VAL A 446 -11.45 -25.52 -4.09
N VAL A 447 -11.36 -25.81 -2.80
CA VAL A 447 -10.06 -26.00 -2.11
C VAL A 447 -10.23 -27.15 -1.13
N LYS A 448 -9.10 -27.64 -0.61
CA LYS A 448 -9.11 -28.52 0.57
C LYS A 448 -8.51 -27.75 1.74
N ALA A 449 -9.10 -27.88 2.91
CA ALA A 449 -8.65 -27.24 4.15
C ALA A 449 -8.21 -28.29 5.14
N LYS A 450 -6.93 -28.26 5.52
CA LYS A 450 -6.36 -29.15 6.56
C LYS A 450 -6.35 -28.37 7.87
N SER A 451 -7.07 -28.86 8.85
CA SER A 451 -7.17 -28.21 10.17
C SER A 451 -5.80 -28.07 10.81
N LYS A 452 -5.54 -26.92 11.41
CA LYS A 452 -4.40 -26.71 12.33
C LYS A 452 -4.78 -27.20 13.75
N LYS A 453 -6.00 -27.69 13.93
CA LYS A 453 -6.49 -28.29 15.21
C LYS A 453 -6.34 -27.28 16.35
N ILE A 454 -6.77 -26.04 16.12
CA ILE A 454 -6.77 -24.96 17.15
C ILE A 454 -8.21 -24.83 17.63
N PRO A 455 -8.50 -25.09 18.93
CA PRO A 455 -9.86 -25.04 19.44
C PRO A 455 -10.50 -23.64 19.34
N LEU A 456 -11.84 -23.62 19.20
CA LEU A 456 -12.70 -22.41 19.28
C LEU A 456 -13.21 -22.23 20.72
N GLU B 5 16.16 -10.78 33.83
CA GLU B 5 15.67 -11.67 32.72
C GLU B 5 16.32 -11.22 31.41
N MET B 6 16.21 -9.95 31.04
CA MET B 6 16.77 -9.42 29.78
C MET B 6 18.29 -9.29 29.89
N PRO B 7 19.09 -9.83 28.94
CA PRO B 7 20.54 -9.62 28.93
C PRO B 7 20.93 -8.14 28.78
N GLN B 8 22.13 -7.80 29.24
CA GLN B 8 22.64 -6.42 29.26
C GLN B 8 24.15 -6.49 29.13
N PRO B 9 24.75 -5.66 28.26
CA PRO B 9 26.20 -5.65 28.13
C PRO B 9 26.85 -5.01 29.35
N LYS B 10 28.17 -5.07 29.34
CA LYS B 10 28.98 -4.67 30.50
C LYS B 10 28.69 -3.22 30.88
N THR B 11 28.75 -2.96 32.18
CA THR B 11 28.44 -1.66 32.78
C THR B 11 29.70 -1.00 33.36
N PHE B 12 29.58 0.31 33.57
CA PHE B 12 30.66 1.21 34.02
C PHE B 12 30.14 1.98 35.24
N GLY B 13 29.72 1.25 36.27
CA GLY B 13 29.20 1.87 37.50
C GLY B 13 28.05 2.81 37.19
N GLU B 14 28.09 4.04 37.71
CA GLU B 14 26.94 4.97 37.59
C GLU B 14 26.78 5.45 36.15
N LEU B 15 27.74 5.19 35.25
CA LEU B 15 27.60 5.56 33.81
C LEU B 15 26.84 4.45 33.07
N LYS B 16 26.57 3.32 33.73
CA LYS B 16 25.76 2.21 33.16
C LYS B 16 26.43 1.78 31.86
N ASN B 17 25.69 1.71 30.75
CA ASN B 17 26.28 1.22 29.47
C ASN B 17 26.80 2.37 28.61
N LEU B 18 26.67 3.63 29.04
CA LEU B 18 26.92 4.77 28.12
C LEU B 18 28.33 4.71 27.52
N PRO B 19 29.41 4.38 28.27
CA PRO B 19 30.74 4.34 27.67
C PRO B 19 30.93 3.35 26.51
N LEU B 20 30.01 2.42 26.32
CA LEU B 20 30.06 1.51 25.15
C LEU B 20 29.86 2.32 23.87
N LEU B 21 29.31 3.53 23.95
CA LEU B 21 29.15 4.37 22.73
C LEU B 21 30.35 5.29 22.54
N ASN B 22 31.36 5.23 23.41
CA ASN B 22 32.61 6.01 23.23
C ASN B 22 33.50 5.26 22.24
N THR B 23 33.12 5.32 20.97
CA THR B 23 33.79 4.62 19.85
C THR B 23 33.41 5.36 18.57
N ASP B 24 34.26 5.31 17.56
CA ASP B 24 33.85 5.92 16.27
C ASP B 24 33.01 4.92 15.50
N LYS B 25 32.76 3.71 16.02
CA LYS B 25 31.93 2.70 15.28
C LYS B 25 30.88 2.09 16.21
N PRO B 26 29.94 2.93 16.70
CA PRO B 26 28.96 2.46 17.68
C PRO B 26 28.02 1.36 17.16
N VAL B 27 27.54 1.47 15.92
CA VAL B 27 26.60 0.45 15.39
C VAL B 27 27.35 -0.88 15.30
N GLN B 28 28.59 -0.86 14.79
CA GLN B 28 29.36 -2.10 14.72
C GLN B 28 29.62 -2.65 16.14
N ALA B 29 29.82 -1.79 17.13
CA ALA B 29 29.98 -2.26 18.53
C ALA B 29 28.69 -2.93 18.99
N LEU B 30 27.54 -2.34 18.66
CA LEU B 30 26.24 -2.89 19.12
C LEU B 30 25.95 -4.22 18.41
N MET B 31 26.39 -4.36 17.15
CA MET B 31 26.26 -5.63 16.41
C MET B 31 27.04 -6.74 17.14
N LYS B 32 28.25 -6.42 17.58
CA LYS B 32 29.10 -7.41 18.30
C LYS B 32 28.42 -7.78 19.63
N ILE B 33 27.84 -6.80 20.32
CA ILE B 33 27.09 -7.07 21.57
C ILE B 33 25.91 -7.98 21.24
N ALA B 34 25.15 -7.70 20.17
CA ALA B 34 24.03 -8.56 19.79
C ALA B 34 24.50 -9.98 19.50
N ASP B 35 25.65 -10.14 18.87
CA ASP B 35 26.17 -11.50 18.59
C ASP B 35 26.44 -12.21 19.92
N GLU B 36 26.90 -11.49 20.92
CA GLU B 36 27.25 -12.07 22.25
C GLU B 36 25.96 -12.37 23.03
N LEU B 37 24.97 -11.49 23.01
CA LEU B 37 23.82 -11.55 23.95
C LEU B 37 22.55 -12.10 23.31
N GLY B 38 22.41 -12.01 21.99
CA GLY B 38 21.27 -12.59 21.29
C GLY B 38 20.23 -11.56 20.88
N GLU B 39 18.99 -12.02 20.79
CA GLU B 39 17.93 -11.30 20.05
C GLU B 39 17.52 -10.02 20.76
N ILE B 40 17.79 -9.86 22.06
CA ILE B 40 17.35 -8.67 22.80
C ILE B 40 18.34 -8.38 23.91
N PHE B 41 18.70 -7.11 24.04
CA PHE B 41 19.45 -6.66 25.23
C PHE B 41 19.01 -5.27 25.64
N LYS B 42 19.11 -5.04 26.94
CA LYS B 42 18.85 -3.74 27.57
C LYS B 42 20.09 -2.87 27.45
N PHE B 43 19.90 -1.60 27.18
CA PHE B 43 20.99 -0.61 27.14
C PHE B 43 20.55 0.57 28.00
N GLU B 44 21.31 0.83 29.05
CA GLU B 44 20.98 1.88 30.04
C GLU B 44 22.04 2.97 29.97
N ALA B 45 21.60 4.21 30.11
CA ALA B 45 22.47 5.37 30.34
C ALA B 45 21.87 6.07 31.54
N PRO B 46 22.59 6.97 32.21
CA PRO B 46 21.97 7.76 33.26
C PRO B 46 20.72 8.46 32.69
N GLY B 47 19.56 8.17 33.27
CA GLY B 47 18.30 8.83 32.91
C GLY B 47 17.58 8.20 31.73
N ARG B 48 18.09 7.11 31.13
CA ARG B 48 17.45 6.53 29.91
C ARG B 48 17.61 5.01 29.87
N VAL B 49 16.70 4.33 29.17
CA VAL B 49 16.84 2.90 28.83
C VAL B 49 16.23 2.65 27.47
N THR B 50 16.83 1.77 26.71
CA THR B 50 16.21 1.23 25.47
C THR B 50 16.58 -0.24 25.38
N ARG B 51 15.95 -0.93 24.47
CA ARG B 51 16.17 -2.38 24.26
C ARG B 51 16.48 -2.56 22.79
N TYR B 52 17.60 -3.19 22.51
CA TYR B 52 18.06 -3.48 21.13
C TYR B 52 17.53 -4.83 20.69
N LEU B 53 16.80 -4.84 19.60
CA LEU B 53 16.20 -6.05 19.00
C LEU B 53 16.97 -6.47 17.75
N SER B 54 17.22 -7.75 17.61
CA SER B 54 18.02 -8.32 16.51
C SER B 54 17.32 -9.47 15.79
N SER B 55 16.24 -10.05 16.34
CA SER B 55 15.62 -11.24 15.71
C SER B 55 14.36 -10.83 14.96
N GLN B 56 14.08 -11.52 13.87
CA GLN B 56 12.80 -11.33 13.16
C GLN B 56 11.63 -11.66 14.11
N ARG B 57 11.79 -12.68 14.96
CA ARG B 57 10.73 -13.05 15.93
C ARG B 57 10.23 -11.84 16.73
N LEU B 58 11.14 -11.01 17.24
CA LEU B 58 10.74 -9.85 18.07
C LEU B 58 10.47 -8.65 17.19
N ILE B 59 11.22 -8.48 16.11
CA ILE B 59 11.06 -7.27 15.25
C ILE B 59 9.71 -7.33 14.54
N LYS B 60 9.17 -8.51 14.22
CA LYS B 60 7.82 -8.55 13.59
C LYS B 60 6.77 -7.99 14.55
N GLU B 61 6.96 -8.12 15.86
CA GLU B 61 6.05 -7.52 16.87
C GLU B 61 6.30 -6.02 16.94
N ALA B 62 7.55 -5.61 16.92
CA ALA B 62 7.92 -4.18 17.02
C ALA B 62 7.32 -3.41 15.83
N CYS B 63 7.16 -4.08 14.69
CA CYS B 63 6.68 -3.45 13.45
C CYS B 63 5.16 -3.45 13.36
N ASP B 64 4.47 -3.91 14.40
CA ASP B 64 2.99 -3.84 14.48
C ASP B 64 2.63 -2.41 14.87
N GLU B 65 2.11 -1.64 13.93
CA GLU B 65 1.85 -0.19 14.12
C GLU B 65 0.71 0.03 15.10
N SER B 66 -0.06 -0.99 15.45
CA SER B 66 -1.10 -0.85 16.49
C SER B 66 -0.42 -0.82 17.88
N ARG B 67 0.80 -1.35 17.99
CA ARG B 67 1.48 -1.58 19.28
C ARG B 67 2.63 -0.60 19.47
N PHE B 68 3.30 -0.21 18.40
CA PHE B 68 4.50 0.63 18.46
C PHE B 68 4.45 1.69 17.37
N ASP B 69 4.93 2.89 17.69
CA ASP B 69 5.05 4.02 16.76
C ASP B 69 6.54 4.41 16.69
N LYS B 70 6.90 5.15 15.65
CA LYS B 70 8.26 5.69 15.49
C LYS B 70 8.63 6.56 16.69
N ASN B 71 9.79 6.28 17.25
CA ASN B 71 10.43 7.12 18.27
C ASN B 71 11.60 7.88 17.66
N LEU B 72 11.89 9.05 18.20
CA LEU B 72 13.16 9.74 17.91
C LEU B 72 14.22 9.16 18.86
N SER B 73 15.14 8.39 18.30
CA SER B 73 16.38 7.96 19.00
C SER B 73 17.12 9.21 19.46
N GLN B 74 18.11 9.07 20.33
CA GLN B 74 18.98 10.22 20.68
C GLN B 74 19.57 10.81 19.39
N ALA B 75 20.04 9.95 18.49
CA ALA B 75 20.60 10.39 17.20
C ALA B 75 19.60 11.32 16.49
N LEU B 76 18.34 10.92 16.36
CA LEU B 76 17.37 11.76 15.61
C LEU B 76 16.98 12.99 16.41
N LYS B 77 16.99 12.94 17.75
CA LYS B 77 16.76 14.17 18.53
C LYS B 77 17.86 15.20 18.23
N PHE B 78 19.09 14.75 18.04
CA PHE B 78 20.24 15.65 17.74
C PHE B 78 20.11 16.14 16.31
N VAL B 79 19.73 15.26 15.38
CA VAL B 79 19.55 15.66 13.96
C VAL B 79 18.40 16.66 13.86
N ARG B 80 17.39 16.52 14.72
CA ARG B 80 16.23 17.46 14.72
C ARG B 80 16.68 18.89 15.03
N ASP B 81 17.84 19.08 15.65
CA ASP B 81 18.39 20.45 15.86
C ASP B 81 18.50 21.17 14.51
N PHE B 82 18.71 20.47 13.39
CA PHE B 82 18.75 21.12 12.05
C PHE B 82 17.63 20.64 11.11
N ALA B 83 17.01 19.47 11.35
CA ALA B 83 15.98 18.94 10.43
C ALA B 83 14.58 19.20 10.96
N GLY B 84 14.45 19.72 12.18
CA GLY B 84 13.20 20.20 12.76
C GLY B 84 12.07 19.17 12.62
N ASP B 85 10.89 19.63 12.20
CA ASP B 85 9.72 18.73 12.00
C ASP B 85 9.59 18.40 10.51
N GLY B 86 10.72 18.26 9.83
CA GLY B 86 10.74 17.59 8.52
C GLY B 86 10.33 16.15 8.67
N LEU B 87 10.16 15.44 7.57
CA LEU B 87 9.51 14.10 7.64
C LEU B 87 10.35 13.14 8.49
N PHE B 88 11.67 13.18 8.41
CA PHE B 88 12.52 12.15 9.06
C PHE B 88 12.50 12.33 10.58
N THR B 89 12.38 13.56 11.06
CA THR B 89 12.60 13.86 12.50
C THR B 89 11.32 14.38 13.15
N SER B 90 10.17 14.23 12.51
CA SER B 90 8.86 14.57 13.11
C SER B 90 8.30 13.35 13.83
N TRP B 91 7.57 13.63 14.91
CA TRP B 91 6.72 12.60 15.54
C TRP B 91 5.49 12.39 14.67
N THR B 92 4.95 11.16 14.68
CA THR B 92 3.79 10.81 13.85
C THR B 92 2.60 11.70 14.22
N HIS B 93 2.51 12.09 15.47
CA HIS B 93 1.39 12.90 15.98
C HIS B 93 1.55 14.40 15.71
N GLU B 94 2.70 14.89 15.26
CA GLU B 94 2.81 16.34 14.92
C GLU B 94 2.02 16.56 13.64
N LYS B 95 1.23 17.62 13.59
CA LYS B 95 0.38 17.93 12.43
C LYS B 95 1.23 17.94 11.15
N ASN B 96 2.45 18.47 11.19
CA ASN B 96 3.28 18.58 9.97
C ASN B 96 3.76 17.22 9.46
N TRP B 97 3.71 16.15 10.25
CA TRP B 97 4.14 14.82 9.72
C TRP B 97 3.11 14.38 8.67
N LYS B 98 1.84 14.19 9.03
CA LYS B 98 0.88 13.63 8.07
C LYS B 98 0.67 14.63 6.94
N LYS B 99 0.69 15.93 7.22
CA LYS B 99 0.50 16.94 6.16
C LYS B 99 1.61 16.78 5.11
N ALA B 100 2.87 16.75 5.52
CA ALA B 100 4.00 16.67 4.57
C ALA B 100 4.00 15.29 3.90
N HIS B 101 3.66 14.23 4.61
CA HIS B 101 3.58 12.86 4.05
C HIS B 101 2.59 12.88 2.88
N ASN B 102 1.40 13.42 3.12
CA ASN B 102 0.37 13.41 2.05
C ASN B 102 0.78 14.36 0.92
N ILE B 103 1.40 15.49 1.20
CA ILE B 103 1.76 16.50 0.19
C ILE B 103 2.91 15.96 -0.66
N LEU B 104 3.85 15.21 -0.08
CA LEU B 104 5.08 14.86 -0.81
C LEU B 104 5.03 13.44 -1.38
N LEU B 105 4.17 12.55 -0.91
CA LEU B 105 4.08 11.22 -1.56
C LEU B 105 3.84 11.34 -3.06
N PRO B 106 3.01 12.25 -3.57
CA PRO B 106 2.86 12.39 -5.03
C PRO B 106 4.15 12.68 -5.80
N SER B 107 5.18 13.20 -5.13
CA SER B 107 6.52 13.43 -5.73
C SER B 107 7.25 12.11 -5.94
N PHE B 108 6.72 11.00 -5.47
CA PHE B 108 7.32 9.67 -5.63
C PHE B 108 6.33 8.73 -6.33
N SER B 109 5.33 9.30 -7.00
CA SER B 109 4.39 8.51 -7.83
C SER B 109 5.13 7.89 -9.02
N GLN B 110 4.50 6.92 -9.67
CA GLN B 110 5.09 6.30 -10.86
C GLN B 110 5.32 7.37 -11.93
N GLN B 111 4.37 8.30 -12.12
CA GLN B 111 4.52 9.41 -13.08
C GLN B 111 5.70 10.29 -12.67
N ALA B 112 5.85 10.64 -11.40
CA ALA B 112 6.98 11.48 -10.93
C ALA B 112 8.30 10.76 -11.22
N MET B 113 8.38 9.46 -10.93
CA MET B 113 9.60 8.68 -11.14
C MET B 113 10.01 8.71 -12.61
N LYS B 114 9.06 8.55 -13.51
CA LYS B 114 9.39 8.59 -14.94
C LYS B 114 9.91 9.97 -15.29
N GLY B 115 9.37 11.00 -14.64
CA GLY B 115 9.79 12.38 -14.83
C GLY B 115 11.21 12.64 -14.35
N TYR B 116 11.67 11.94 -13.32
CA TYR B 116 13.03 12.15 -12.78
C TYR B 116 14.09 11.46 -13.64
N HIS B 117 13.71 10.47 -14.44
CA HIS B 117 14.68 9.54 -15.09
C HIS B 117 15.72 10.34 -15.89
N ALA B 118 15.31 11.27 -16.74
CA ALA B 118 16.26 11.98 -17.62
C ALA B 118 17.30 12.73 -16.78
N MET B 119 16.90 13.35 -15.69
CA MET B 119 17.86 14.09 -14.84
C MET B 119 18.77 13.10 -14.10
N MET B 120 18.27 11.93 -13.70
CA MET B 120 19.18 10.91 -13.13
C MET B 120 20.22 10.53 -14.18
N VAL B 121 19.81 10.39 -15.43
CA VAL B 121 20.76 10.02 -16.51
C VAL B 121 21.80 11.15 -16.68
N ASP B 122 21.38 12.40 -16.58
CA ASP B 122 22.31 13.55 -16.73
C ASP B 122 23.49 13.35 -15.76
N ILE B 123 23.20 13.04 -14.49
CA ILE B 123 24.28 12.95 -13.49
C ILE B 123 25.03 11.63 -13.70
N ALA B 124 24.35 10.54 -14.01
CA ALA B 124 25.02 9.23 -14.22
C ALA B 124 26.01 9.37 -15.39
N VAL B 125 25.63 10.05 -16.45
CA VAL B 125 26.56 10.26 -17.60
C VAL B 125 27.75 11.08 -17.15
N GLN B 126 27.57 12.07 -16.26
CA GLN B 126 28.74 12.81 -15.73
C GLN B 126 29.68 11.85 -15.00
N LEU B 127 29.17 10.88 -14.23
CA LEU B 127 30.05 9.93 -13.51
C LEU B 127 30.79 9.09 -14.56
N VAL B 128 30.09 8.55 -15.53
CA VAL B 128 30.72 7.64 -16.52
C VAL B 128 31.80 8.43 -17.29
N GLN B 129 31.50 9.66 -17.69
N GLN B 129 31.50 9.65 -17.72
CA GLN B 129 32.48 10.52 -18.42
CA GLN B 129 32.49 10.50 -18.43
C GLN B 129 33.71 10.77 -17.53
C GLN B 129 33.71 10.76 -17.54
N LYS B 130 33.52 11.02 -16.25
CA LYS B 130 34.66 11.23 -15.33
C LYS B 130 35.58 10.01 -15.41
N TRP B 131 35.01 8.82 -15.27
CA TRP B 131 35.83 7.59 -15.22
C TRP B 131 36.41 7.27 -16.60
N GLU B 132 35.69 7.54 -17.68
CA GLU B 132 36.23 7.35 -19.06
C GLU B 132 37.47 8.23 -19.26
N ARG B 133 37.52 9.39 -18.62
CA ARG B 133 38.57 10.42 -18.85
C ARG B 133 39.78 10.20 -17.96
N LEU B 134 39.78 9.21 -17.08
CA LEU B 134 40.98 8.93 -16.25
C LEU B 134 42.11 8.41 -17.12
N ASN B 135 43.33 8.77 -16.72
CA ASN B 135 44.56 8.28 -17.39
C ASN B 135 44.95 6.91 -16.85
N ALA B 136 45.95 6.30 -17.50
CA ALA B 136 46.49 4.96 -17.18
C ALA B 136 46.78 4.88 -15.67
N ASP B 137 46.28 3.84 -15.03
CA ASP B 137 46.62 3.48 -13.63
C ASP B 137 46.12 4.50 -12.62
N GLU B 138 45.32 5.50 -13.03
CA GLU B 138 44.61 6.34 -12.04
C GLU B 138 43.52 5.48 -11.42
N HIS B 139 43.06 5.86 -10.24
CA HIS B 139 42.03 5.08 -9.53
C HIS B 139 40.84 5.97 -9.23
N ILE B 140 39.81 5.31 -8.73
CA ILE B 140 38.53 5.92 -8.33
C ILE B 140 38.41 5.87 -6.82
N GLU B 141 38.03 6.99 -6.23
CA GLU B 141 37.68 7.10 -4.81
C GLU B 141 36.18 6.83 -4.74
N VAL B 142 35.80 5.62 -4.38
CA VAL B 142 34.42 5.16 -4.64
C VAL B 142 33.39 5.94 -3.81
N PRO B 143 33.43 5.95 -2.47
CA PRO B 143 32.37 6.67 -1.73
C PRO B 143 32.34 8.15 -2.07
N GLU B 144 33.49 8.73 -2.38
CA GLU B 144 33.57 10.16 -2.74
C GLU B 144 32.81 10.40 -4.04
N ASP B 145 33.01 9.58 -5.06
CA ASP B 145 32.31 9.74 -6.36
C ASP B 145 30.83 9.35 -6.20
N MET B 146 30.51 8.38 -5.37
CA MET B 146 29.08 8.01 -5.20
C MET B 146 28.37 9.17 -4.50
N THR B 147 29.01 9.88 -3.58
CA THR B 147 28.43 11.08 -2.93
C THR B 147 28.28 12.21 -3.95
N ARG B 148 29.24 12.40 -4.85
CA ARG B 148 29.07 13.37 -5.94
C ARG B 148 27.80 13.04 -6.72
N LEU B 149 27.65 11.78 -7.10
CA LEU B 149 26.50 11.39 -7.94
C LEU B 149 25.20 11.58 -7.15
N THR B 150 25.12 11.07 -5.94
CA THR B 150 23.80 11.01 -5.26
C THR B 150 23.38 12.40 -4.83
N LEU B 151 24.30 13.22 -4.31
CA LEU B 151 23.92 14.61 -3.96
C LEU B 151 23.44 15.34 -5.22
N ASP B 152 24.17 15.22 -6.31
CA ASP B 152 23.78 15.95 -7.54
C ASP B 152 22.42 15.47 -8.01
N THR B 153 22.14 14.17 -7.86
CA THR B 153 20.87 13.61 -8.37
C THR B 153 19.71 14.18 -7.55
N ILE B 154 19.79 14.18 -6.22
CA ILE B 154 18.65 14.73 -5.43
C ILE B 154 18.55 16.23 -5.68
N GLY B 155 19.68 16.93 -5.84
CA GLY B 155 19.61 18.39 -6.09
C GLY B 155 18.88 18.67 -7.38
N LEU B 156 19.23 17.96 -8.44
CA LEU B 156 18.69 18.26 -9.78
C LEU B 156 17.26 17.75 -9.86
N CYS B 157 17.02 16.48 -9.56
CA CYS B 157 15.67 15.89 -9.67
C CYS B 157 14.73 16.57 -8.68
N GLY B 158 15.17 16.82 -7.45
CA GLY B 158 14.29 17.32 -6.39
C GLY B 158 14.06 18.81 -6.49
N PHE B 159 15.08 19.60 -6.87
CA PHE B 159 15.11 21.05 -6.62
C PHE B 159 15.55 21.84 -7.85
N ASN B 160 15.78 21.15 -8.98
CA ASN B 160 16.32 21.78 -10.21
C ASN B 160 17.54 22.62 -9.86
N TYR B 161 18.41 22.12 -9.01
CA TYR B 161 19.59 22.85 -8.50
C TYR B 161 20.82 21.99 -8.80
N ARG B 162 21.85 22.58 -9.38
CA ARG B 162 23.06 21.81 -9.74
C ARG B 162 24.14 22.05 -8.68
N PHE B 163 24.46 21.02 -7.94
CA PHE B 163 25.59 21.07 -7.00
C PHE B 163 26.92 21.04 -7.75
N ASN B 164 26.91 20.54 -8.97
CA ASN B 164 28.13 20.46 -9.83
C ASN B 164 29.26 19.79 -9.07
N SER B 165 28.99 18.68 -8.41
CA SER B 165 29.99 17.97 -7.58
C SER B 165 31.11 17.38 -8.45
N PHE B 166 30.84 17.04 -9.70
CA PHE B 166 31.89 16.45 -10.59
C PHE B 166 32.82 17.57 -11.07
N TYR B 167 32.55 18.83 -10.78
CA TYR B 167 33.46 19.96 -11.13
C TYR B 167 34.39 20.26 -9.94
N ARG B 168 34.38 19.42 -8.90
CA ARG B 168 35.14 19.67 -7.67
C ARG B 168 36.05 18.47 -7.37
N ASP B 169 37.28 18.76 -6.95
CA ASP B 169 38.24 17.74 -6.48
C ASP B 169 38.05 17.55 -4.99
N GLN B 170 37.51 18.57 -4.31
CA GLN B 170 37.24 18.56 -2.85
C GLN B 170 35.77 18.24 -2.65
N PRO B 171 35.37 17.64 -1.51
CA PRO B 171 33.95 17.44 -1.24
C PRO B 171 33.23 18.78 -1.33
N HIS B 172 31.98 18.75 -1.80
CA HIS B 172 31.10 19.94 -1.84
C HIS B 172 30.99 20.54 -0.43
N PRO B 173 31.04 21.88 -0.23
CA PRO B 173 30.90 22.48 1.10
C PRO B 173 29.69 22.00 1.92
N PHE B 174 28.58 21.72 1.25
CA PHE B 174 27.36 21.21 1.91
C PHE B 174 27.70 19.86 2.54
N ILE B 175 28.44 19.02 1.82
CA ILE B 175 28.85 17.67 2.29
C ILE B 175 29.78 17.82 3.50
N THR B 176 30.78 18.72 3.43
CA THR B 176 31.73 18.89 4.55
C THR B 176 30.93 19.21 5.81
N SER B 177 29.96 20.11 5.74
CA SER B 177 29.16 20.57 6.90
C SER B 177 28.19 19.47 7.31
N MET B 178 27.56 18.79 6.36
CA MET B 178 26.63 17.69 6.71
C MET B 178 27.40 16.60 7.46
N VAL B 179 28.54 16.18 6.95
CA VAL B 179 29.32 15.06 7.57
C VAL B 179 29.73 15.51 8.98
N ARG B 180 30.16 16.76 9.13
CA ARG B 180 30.63 17.22 10.46
C ARG B 180 29.44 17.32 11.43
N ALA B 181 28.24 17.64 10.95
CA ALA B 181 27.01 17.70 11.77
C ALA B 181 26.58 16.28 12.16
N LEU B 182 26.61 15.33 11.23
CA LEU B 182 26.26 13.91 11.51
C LEU B 182 27.27 13.32 12.50
N ASP B 183 28.55 13.62 12.32
CA ASP B 183 29.62 13.09 13.18
C ASP B 183 29.44 13.67 14.58
N GLU B 184 29.05 14.95 14.70
CA GLU B 184 28.80 15.59 16.01
C GLU B 184 27.61 14.90 16.67
N ALA B 185 26.51 14.68 15.94
CA ALA B 185 25.34 13.95 16.49
C ALA B 185 25.81 12.58 17.01
N MET B 186 26.62 11.85 16.24
CA MET B 186 27.07 10.49 16.64
C MET B 186 27.97 10.58 17.87
N ASN B 187 28.90 11.54 17.89
CA ASN B 187 29.85 11.72 19.01
C ASN B 187 29.07 12.13 20.27
N LYS B 188 27.97 12.85 20.12
CA LYS B 188 27.17 13.34 21.26
C LYS B 188 26.49 12.16 21.96
N LEU B 189 26.32 11.03 21.27
CA LEU B 189 25.64 9.84 21.87
C LEU B 189 26.36 9.38 23.15
N GLN B 190 27.67 9.56 23.27
CA GLN B 190 28.42 9.05 24.44
C GLN B 190 28.47 10.08 25.58
N ARG B 191 28.03 11.33 25.37
CA ARG B 191 28.25 12.42 26.36
C ARG B 191 27.27 12.33 27.52
N ALA B 192 27.80 12.09 28.72
CA ALA B 192 27.02 12.05 29.98
C ALA B 192 26.45 13.45 30.28
N ASN B 193 27.25 14.50 30.07
CA ASN B 193 26.89 15.89 30.45
C ASN B 193 27.11 16.80 29.25
N PRO B 194 26.17 16.82 28.27
CA PRO B 194 26.39 17.59 27.05
C PRO B 194 26.48 19.11 27.23
N ASP B 195 26.12 19.65 28.41
CA ASP B 195 26.19 21.12 28.69
C ASP B 195 27.44 21.47 29.51
N ASP B 196 28.33 20.50 29.75
CA ASP B 196 29.72 20.74 30.22
C ASP B 196 30.40 21.74 29.26
N PRO B 197 31.05 22.82 29.75
CA PRO B 197 31.64 23.83 28.87
C PRO B 197 32.76 23.32 27.95
N ALA B 198 33.25 22.11 28.20
CA ALA B 198 34.25 21.38 27.37
C ALA B 198 33.69 21.16 25.95
N TYR B 199 32.37 21.21 25.78
CA TYR B 199 31.68 20.94 24.48
C TYR B 199 31.27 22.25 23.79
N ASP B 200 31.71 23.41 24.31
CA ASP B 200 31.32 24.73 23.77
C ASP B 200 31.81 24.86 22.32
N GLU B 201 32.99 24.33 22.00
CA GLU B 201 33.58 24.38 20.63
C GLU B 201 32.78 23.44 19.72
N ASN B 202 32.36 22.28 20.24
CA ASN B 202 31.52 21.31 19.49
C ASN B 202 30.22 22.02 19.08
N LYS B 203 29.60 22.73 20.02
CA LYS B 203 28.33 23.48 19.83
C LYS B 203 28.52 24.58 18.79
N ARG B 204 29.59 25.38 18.93
CA ARG B 204 29.90 26.46 17.96
C ARG B 204 30.03 25.85 16.55
N GLN B 205 30.81 24.78 16.38
CA GLN B 205 31.08 24.17 15.06
C GLN B 205 29.75 23.62 14.51
N PHE B 206 28.94 23.00 15.37
CA PHE B 206 27.62 22.45 14.96
C PHE B 206 26.75 23.56 14.39
N GLN B 207 26.63 24.70 15.09
CA GLN B 207 25.85 25.87 14.63
C GLN B 207 26.41 26.41 13.30
N GLU B 208 27.73 26.44 13.13
CA GLU B 208 28.36 26.90 11.87
C GLU B 208 27.94 25.98 10.71
N ASP B 209 27.99 24.66 10.94
CA ASP B 209 27.64 23.64 9.92
C ASP B 209 26.17 23.74 9.58
N ILE B 210 25.32 23.99 10.58
CA ILE B 210 23.86 24.16 10.37
C ILE B 210 23.64 25.40 9.50
N LYS B 211 24.39 26.47 9.76
CA LYS B 211 24.25 27.72 8.96
C LYS B 211 24.68 27.48 7.50
N VAL B 212 25.75 26.72 7.26
CA VAL B 212 26.18 26.37 5.87
C VAL B 212 25.00 25.68 5.17
N MET B 213 24.40 24.69 5.83
CA MET B 213 23.31 23.90 5.20
C MET B 213 22.12 24.83 4.92
N ASN B 214 21.78 25.72 5.85
CA ASN B 214 20.62 26.64 5.72
C ASN B 214 20.89 27.70 4.65
N ASP B 215 22.12 28.17 4.49
CA ASP B 215 22.47 29.16 3.43
C ASP B 215 22.18 28.54 2.06
N LEU B 216 22.51 27.27 1.89
CA LEU B 216 22.24 26.55 0.61
C LEU B 216 20.72 26.41 0.43
N VAL B 217 19.99 26.04 1.47
CA VAL B 217 18.51 25.96 1.39
C VAL B 217 17.96 27.33 0.92
N ASP B 218 18.45 28.42 1.50
CA ASP B 218 18.05 29.79 1.08
C ASP B 218 18.28 29.98 -0.43
N LYS B 219 19.43 29.53 -0.94
CA LYS B 219 19.82 29.68 -2.38
C LYS B 219 18.82 28.90 -3.24
N ILE B 220 18.44 27.68 -2.83
CA ILE B 220 17.51 26.84 -3.62
C ILE B 220 16.14 27.51 -3.69
N ILE B 221 15.67 28.06 -2.57
CA ILE B 221 14.35 28.75 -2.50
C ILE B 221 14.42 30.01 -3.39
N ALA B 222 15.51 30.77 -3.31
CA ALA B 222 15.70 32.01 -4.10
C ALA B 222 15.74 31.68 -5.60
N ASP B 223 16.48 30.64 -5.99
N ASP B 223 16.50 30.64 -5.98
CA ASP B 223 16.61 30.21 -7.41
CA ASP B 223 16.66 30.12 -7.38
C ASP B 223 15.22 29.83 -7.94
C ASP B 223 15.27 29.79 -7.93
N ARG B 224 14.41 29.12 -7.16
CA ARG B 224 13.05 28.72 -7.60
C ARG B 224 12.17 29.96 -7.78
N LYS B 225 12.22 30.88 -6.82
CA LYS B 225 11.40 32.12 -6.79
C LYS B 225 11.74 33.00 -8.01
N ALA B 226 13.00 32.98 -8.45
CA ALA B 226 13.53 33.83 -9.54
C ALA B 226 13.44 33.11 -10.89
N SER B 227 12.93 31.87 -10.93
CA SER B 227 12.94 30.99 -12.12
C SER B 227 11.80 31.38 -13.08
N GLY B 228 12.10 31.41 -14.38
CA GLY B 228 11.12 31.61 -15.48
C GLY B 228 10.71 30.29 -16.11
N GLU B 229 11.36 29.19 -15.69
CA GLU B 229 11.04 27.79 -16.12
C GLU B 229 9.90 27.27 -15.25
N GLN B 230 9.01 26.44 -15.85
CA GLN B 230 7.95 25.67 -15.14
C GLN B 230 8.53 24.31 -14.73
N SER B 231 8.83 24.13 -13.44
CA SER B 231 9.23 22.84 -12.83
C SER B 231 8.00 22.13 -12.29
N ASP B 232 8.08 20.81 -12.17
CA ASP B 232 7.07 19.97 -11.49
C ASP B 232 7.82 18.89 -10.73
N ASP B 233 8.55 19.31 -9.71
CA ASP B 233 9.46 18.41 -8.95
C ASP B 233 9.09 18.42 -7.46
N LEU B 234 9.97 17.89 -6.63
CA LEU B 234 9.71 17.77 -5.19
C LEU B 234 9.49 19.16 -4.58
N LEU B 235 10.27 20.17 -4.96
CA LEU B 235 10.11 21.54 -4.46
C LEU B 235 8.77 22.13 -4.93
N THR B 236 8.34 21.84 -6.14
CA THR B 236 7.01 22.32 -6.61
C THR B 236 5.93 21.84 -5.63
N HIS B 237 5.97 20.56 -5.26
CA HIS B 237 4.98 19.97 -4.32
C HIS B 237 5.10 20.64 -2.96
N MET B 238 6.32 20.87 -2.45
CA MET B 238 6.54 21.56 -1.15
C MET B 238 5.89 22.95 -1.20
N LEU B 239 6.06 23.70 -2.29
CA LEU B 239 5.64 25.12 -2.36
C LEU B 239 4.15 25.23 -2.69
N ASN B 240 3.54 24.24 -3.35
CA ASN B 240 2.17 24.40 -3.92
C ASN B 240 1.19 23.34 -3.45
N GLY B 241 1.64 22.16 -3.03
CA GLY B 241 0.77 21.01 -2.79
C GLY B 241 -0.09 21.23 -1.55
N LYS B 242 -1.32 20.75 -1.59
CA LYS B 242 -2.23 20.84 -0.43
C LYS B 242 -2.51 19.42 0.06
N ASP B 243 -2.47 19.27 1.38
CA ASP B 243 -2.81 18.00 2.02
C ASP B 243 -4.30 17.73 1.83
N PRO B 244 -4.72 16.62 1.19
CA PRO B 244 -6.14 16.30 1.03
C PRO B 244 -6.89 16.24 2.36
N GLU B 245 -6.24 15.85 3.46
CA GLU B 245 -6.94 15.65 4.75
C GLU B 245 -7.28 17.01 5.36
N THR B 246 -6.28 17.81 5.69
CA THR B 246 -6.48 19.16 6.32
C THR B 246 -6.91 20.19 5.28
N GLY B 247 -6.58 19.97 4.00
CA GLY B 247 -6.73 20.98 2.94
C GLY B 247 -5.66 22.07 2.98
N GLU B 248 -4.64 21.92 3.82
CA GLU B 248 -3.59 22.94 4.05
C GLU B 248 -2.31 22.61 3.29
N PRO B 249 -1.58 23.65 2.85
CA PRO B 249 -0.22 23.50 2.38
C PRO B 249 0.77 23.55 3.54
N LEU B 250 2.04 23.28 3.25
CA LEU B 250 3.14 23.44 4.23
C LEU B 250 3.43 24.93 4.41
N ASP B 251 3.82 25.32 5.60
CA ASP B 251 4.31 26.71 5.81
C ASP B 251 5.81 26.80 5.49
N ASP B 252 6.34 28.04 5.44
CA ASP B 252 7.72 28.29 4.98
C ASP B 252 8.70 27.63 5.94
N GLU B 253 8.44 27.65 7.25
CA GLU B 253 9.39 27.10 8.23
C GLU B 253 9.51 25.58 7.97
N ASN B 254 8.37 24.92 7.76
CA ASN B 254 8.41 23.46 7.52
C ASN B 254 9.08 23.15 6.18
N ILE B 255 8.83 23.95 5.16
CA ILE B 255 9.45 23.75 3.83
C ILE B 255 10.97 23.78 3.98
N ARG B 256 11.52 24.72 4.75
CA ARG B 256 13.00 24.81 4.93
C ARG B 256 13.50 23.50 5.54
N TYR B 257 12.81 22.98 6.55
CA TYR B 257 13.20 21.71 7.19
C TYR B 257 13.08 20.56 6.18
N GLN B 258 12.06 20.55 5.34
CA GLN B 258 11.91 19.46 4.35
C GLN B 258 13.06 19.53 3.34
N ILE B 259 13.48 20.72 2.94
CA ILE B 259 14.58 20.80 1.94
C ILE B 259 15.85 20.22 2.56
N ILE B 260 16.22 20.62 3.79
CA ILE B 260 17.44 20.05 4.40
C ILE B 260 17.26 18.53 4.56
N THR B 261 16.07 18.10 4.97
CA THR B 261 15.79 16.67 5.18
C THR B 261 16.01 15.89 3.88
N PHE B 262 15.44 16.34 2.78
CA PHE B 262 15.52 15.59 1.51
C PHE B 262 16.95 15.65 0.95
N LEU B 263 17.67 16.76 1.14
CA LEU B 263 19.04 16.82 0.60
C LEU B 263 19.91 15.80 1.32
N ILE B 264 19.68 15.56 2.60
CA ILE B 264 20.51 14.63 3.40
C ILE B 264 19.99 13.20 3.23
N ALA B 265 18.75 12.96 3.62
CA ALA B 265 18.11 11.63 3.54
C ALA B 265 18.10 11.17 2.08
N GLY B 266 18.01 12.12 1.13
CA GLY B 266 17.86 11.81 -0.29
C GLY B 266 19.16 11.53 -0.99
N HIS B 267 20.30 11.52 -0.30
CA HIS B 267 21.56 11.12 -0.98
C HIS B 267 22.50 10.28 -0.12
N GLU B 268 22.65 10.55 1.17
CA GLU B 268 23.78 9.98 1.92
C GLU B 268 23.72 8.44 1.89
N THR B 269 22.55 7.86 2.22
CA THR B 269 22.39 6.41 2.33
C THR B 269 22.46 5.75 0.96
N THR B 270 22.11 6.48 -0.12
CA THR B 270 22.22 5.93 -1.49
C THR B 270 23.70 5.88 -1.88
N SER B 271 24.48 6.87 -1.47
CA SER B 271 25.94 6.83 -1.69
C SER B 271 26.52 5.62 -0.97
N GLY B 272 26.11 5.39 0.27
CA GLY B 272 26.54 4.19 1.03
C GLY B 272 26.20 2.92 0.27
N LEU B 273 24.94 2.81 -0.18
CA LEU B 273 24.47 1.60 -0.87
C LEU B 273 25.35 1.34 -2.11
N LEU B 274 25.54 2.37 -2.94
CA LEU B 274 26.32 2.14 -4.18
C LEU B 274 27.73 1.72 -3.82
N SER B 275 28.32 2.33 -2.80
CA SER B 275 29.69 2.02 -2.35
C SER B 275 29.78 0.58 -1.87
N PHE B 276 28.84 0.14 -1.05
CA PHE B 276 28.83 -1.26 -0.56
C PHE B 276 28.58 -2.22 -1.72
N ALA B 277 27.68 -1.88 -2.64
CA ALA B 277 27.38 -2.78 -3.76
C ALA B 277 28.64 -2.97 -4.62
N LEU B 278 29.34 -1.90 -4.92
CA LEU B 278 30.57 -2.05 -5.75
C LEU B 278 31.61 -2.84 -4.96
N TYR B 279 31.73 -2.61 -3.65
CA TYR B 279 32.63 -3.40 -2.77
C TYR B 279 32.31 -4.88 -2.94
N PHE B 280 31.05 -5.25 -2.75
CA PHE B 280 30.70 -6.69 -2.79
C PHE B 280 30.92 -7.23 -4.20
N LEU B 281 30.66 -6.44 -5.24
CA LEU B 281 30.89 -6.93 -6.61
C LEU B 281 32.38 -7.22 -6.84
N VAL B 282 33.28 -6.31 -6.46
CA VAL B 282 34.72 -6.58 -6.75
C VAL B 282 35.22 -7.72 -5.86
N LYS B 283 34.61 -7.96 -4.70
CA LYS B 283 35.02 -9.09 -3.84
C LYS B 283 34.37 -10.40 -4.27
N ASN B 284 33.43 -10.38 -5.21
CA ASN B 284 32.71 -11.59 -5.67
C ASN B 284 32.66 -11.54 -7.17
N PRO B 285 33.79 -11.78 -7.86
CA PRO B 285 33.86 -11.60 -9.30
C PRO B 285 32.83 -12.37 -10.13
N HIS B 286 32.38 -13.55 -9.69
CA HIS B 286 31.36 -14.30 -10.47
C HIS B 286 30.04 -13.52 -10.40
N VAL B 287 29.76 -12.88 -9.28
CA VAL B 287 28.54 -12.04 -9.14
C VAL B 287 28.67 -10.80 -10.03
N LEU B 288 29.83 -10.18 -10.03
CA LEU B 288 30.10 -9.03 -10.92
C LEU B 288 29.86 -9.46 -12.37
N GLN B 289 30.37 -10.62 -12.78
CA GLN B 289 30.23 -11.08 -14.18
C GLN B 289 28.75 -11.23 -14.49
N LYS B 290 27.99 -11.86 -13.60
CA LYS B 290 26.55 -12.09 -13.85
C LYS B 290 25.83 -10.75 -13.99
N ALA B 291 26.14 -9.80 -13.13
CA ALA B 291 25.52 -8.46 -13.18
C ALA B 291 25.95 -7.73 -14.46
N ALA B 292 27.22 -7.84 -14.87
CA ALA B 292 27.73 -7.19 -16.08
C ALA B 292 27.08 -7.81 -17.31
N GLU B 293 26.83 -9.12 -17.30
CA GLU B 293 26.17 -9.77 -18.45
C GLU B 293 24.74 -9.23 -18.59
N GLU B 294 24.04 -9.05 -17.48
CA GLU B 294 22.68 -8.48 -17.53
C GLU B 294 22.74 -7.04 -18.05
N ALA B 295 23.66 -6.22 -17.54
CA ALA B 295 23.79 -4.82 -17.96
C ALA B 295 24.02 -4.75 -19.48
N ALA B 296 24.92 -5.56 -19.99
CA ALA B 296 25.23 -5.59 -21.44
C ALA B 296 24.01 -6.05 -22.23
N ARG B 297 23.29 -7.05 -21.75
CA ARG B 297 22.12 -7.61 -22.48
C ARG B 297 20.95 -6.62 -22.50
N VAL B 298 20.75 -5.89 -21.41
CA VAL B 298 19.54 -5.03 -21.24
C VAL B 298 19.79 -3.63 -21.77
N LEU B 299 20.93 -3.04 -21.43
CA LEU B 299 21.20 -1.62 -21.72
C LEU B 299 21.75 -1.50 -23.15
N VAL B 300 20.88 -1.65 -24.14
CA VAL B 300 21.26 -1.78 -25.57
C VAL B 300 21.34 -0.41 -26.24
N ASP B 301 20.99 0.66 -25.53
CA ASP B 301 20.93 2.02 -26.11
C ASP B 301 21.99 2.88 -25.45
N PRO B 302 22.40 4.00 -26.08
CA PRO B 302 23.46 4.84 -25.51
C PRO B 302 23.14 5.31 -24.10
N VAL B 303 21.88 5.59 -23.80
CA VAL B 303 21.54 5.81 -22.38
C VAL B 303 20.35 4.94 -22.03
N PRO B 304 20.29 4.49 -20.78
CA PRO B 304 19.20 3.62 -20.35
C PRO B 304 17.85 4.35 -20.39
N SER B 305 16.84 3.61 -20.82
CA SER B 305 15.43 4.02 -20.70
C SER B 305 14.92 3.68 -19.29
N TYR B 306 13.85 4.32 -18.89
CA TYR B 306 13.15 3.98 -17.64
C TYR B 306 12.85 2.48 -17.58
N LYS B 307 12.24 1.94 -18.63
CA LYS B 307 11.84 0.52 -18.65
C LYS B 307 13.07 -0.39 -18.55
N GLN B 308 14.17 -0.02 -19.21
CA GLN B 308 15.40 -0.85 -19.16
C GLN B 308 15.88 -0.92 -17.69
N VAL B 309 15.82 0.19 -16.97
CA VAL B 309 16.26 0.15 -15.56
C VAL B 309 15.34 -0.80 -14.78
N LYS B 310 14.04 -0.78 -15.03
CA LYS B 310 13.09 -1.69 -14.34
C LYS B 310 13.41 -3.15 -14.68
N GLN B 311 14.05 -3.40 -15.81
CA GLN B 311 14.39 -4.77 -16.29
C GLN B 311 15.74 -5.25 -15.78
N LEU B 312 16.47 -4.45 -15.00
CA LEU B 312 17.78 -4.88 -14.46
C LEU B 312 17.55 -5.68 -13.17
N LYS B 313 16.97 -6.85 -13.30
CA LYS B 313 16.52 -7.66 -12.16
C LYS B 313 17.71 -8.06 -11.29
N TYR B 314 18.76 -8.61 -11.88
CA TYR B 314 19.92 -9.06 -11.11
C TYR B 314 20.65 -7.87 -10.48
N VAL B 315 20.76 -6.74 -11.16
CA VAL B 315 21.35 -5.55 -10.51
C VAL B 315 20.51 -5.21 -9.27
N GLY B 316 19.19 -5.25 -9.37
CA GLY B 316 18.31 -5.05 -8.22
C GLY B 316 18.57 -6.04 -7.11
N MET B 317 18.84 -7.30 -7.44
CA MET B 317 19.14 -8.35 -6.43
C MET B 317 20.47 -8.02 -5.76
N VAL B 318 21.48 -7.60 -6.53
CA VAL B 318 22.77 -7.17 -5.97
C VAL B 318 22.52 -6.04 -4.95
N LEU B 319 21.72 -5.05 -5.31
CA LEU B 319 21.52 -3.90 -4.40
C LEU B 319 20.80 -4.38 -3.13
N ASN B 320 19.78 -5.23 -3.27
CA ASN B 320 19.07 -5.73 -2.09
C ASN B 320 20.01 -6.52 -1.18
N GLU B 321 20.92 -7.31 -1.76
CA GLU B 321 21.86 -8.12 -0.93
C GLU B 321 22.86 -7.19 -0.25
N ALA B 322 23.27 -6.11 -0.89
CA ALA B 322 24.12 -5.08 -0.24
C ALA B 322 23.37 -4.44 0.92
N LEU B 323 22.08 -4.14 0.75
CA LEU B 323 21.26 -3.57 1.85
C LEU B 323 21.05 -4.62 2.94
N ARG B 324 21.06 -5.90 2.58
CA ARG B 324 20.88 -6.94 3.61
C ARG B 324 22.11 -6.86 4.53
N LEU B 325 23.31 -6.96 3.97
CA LEU B 325 24.52 -7.00 4.83
C LEU B 325 24.79 -5.65 5.49
N TRP B 326 24.65 -4.54 4.79
CA TRP B 326 25.03 -3.23 5.32
C TRP B 326 23.97 -2.18 5.03
N PRO B 327 22.82 -2.29 5.72
CA PRO B 327 21.76 -1.30 5.53
C PRO B 327 22.32 0.04 6.01
N THR B 328 22.29 1.08 5.17
CA THR B 328 23.13 2.25 5.38
C THR B 328 22.49 3.25 6.35
N ALA B 329 21.21 3.12 6.68
CA ALA B 329 20.58 3.78 7.85
C ALA B 329 20.28 2.67 8.84
N PRO B 330 21.26 2.26 9.67
CA PRO B 330 21.26 0.91 10.22
C PRO B 330 20.36 0.63 11.42
N ALA B 331 19.61 1.62 11.88
CA ALA B 331 18.70 1.38 13.01
C ALA B 331 17.53 2.32 12.91
N PHE B 332 16.44 1.93 13.53
CA PHE B 332 15.31 2.84 13.76
C PHE B 332 14.75 2.52 15.12
N SER B 333 14.04 3.49 15.69
CA SER B 333 13.60 3.45 17.10
C SER B 333 12.07 3.45 17.16
N LEU B 334 11.51 2.80 18.19
CA LEU B 334 10.05 2.68 18.38
C LEU B 334 9.73 2.95 19.84
N TYR B 335 8.50 3.34 20.14
CA TYR B 335 8.00 3.35 21.52
C TYR B 335 6.67 2.60 21.57
N ALA B 336 6.38 2.01 22.72
CA ALA B 336 5.14 1.26 23.00
C ALA B 336 3.99 2.24 23.13
N LYS B 337 2.97 2.08 22.31
CA LYS B 337 1.75 2.93 22.32
C LYS B 337 0.98 2.66 23.61
N GLU B 338 1.04 1.44 24.09
CA GLU B 338 0.32 0.97 25.30
C GLU B 338 1.17 -0.10 25.95
N ASP B 339 0.88 -0.42 27.22
CA ASP B 339 1.52 -1.56 27.90
C ASP B 339 1.32 -2.79 27.00
N THR B 340 2.36 -3.60 26.84
CA THR B 340 2.27 -4.78 25.95
C THR B 340 3.39 -5.73 26.35
N VAL B 341 3.24 -6.99 25.99
CA VAL B 341 4.29 -8.01 26.25
C VAL B 341 4.93 -8.32 24.92
N LEU B 342 6.25 -8.15 24.88
CA LEU B 342 7.03 -8.49 23.69
C LEU B 342 7.46 -9.96 23.77
N GLY B 343 7.15 -10.73 22.74
CA GLY B 343 7.67 -12.08 22.56
C GLY B 343 7.17 -13.05 23.62
N GLY B 344 6.07 -12.71 24.31
CA GLY B 344 5.48 -13.53 25.38
C GLY B 344 6.36 -13.57 26.62
N GLU B 345 7.39 -12.72 26.69
CA GLU B 345 8.47 -12.86 27.70
C GLU B 345 8.83 -11.52 28.33
N TYR B 346 8.72 -10.42 27.60
CA TYR B 346 9.28 -9.12 28.04
C TYR B 346 8.18 -8.09 28.17
N PRO B 347 7.65 -7.86 29.38
CA PRO B 347 6.61 -6.88 29.60
C PRO B 347 7.17 -5.46 29.38
N LEU B 348 6.46 -4.65 28.59
CA LEU B 348 6.80 -3.24 28.33
C LEU B 348 5.66 -2.36 28.81
N GLU B 349 6.01 -1.20 29.33
CA GLU B 349 5.05 -0.14 29.67
C GLU B 349 4.92 0.83 28.52
N LYS B 350 3.76 1.44 28.41
CA LYS B 350 3.51 2.57 27.49
C LYS B 350 4.72 3.48 27.54
N GLY B 351 5.26 3.86 26.37
CA GLY B 351 6.37 4.81 26.26
C GLY B 351 7.72 4.10 26.23
N ASP B 352 7.79 2.82 26.59
CA ASP B 352 9.09 2.11 26.59
C ASP B 352 9.63 2.07 25.18
N GLU B 353 10.94 2.23 25.03
CA GLU B 353 11.62 2.37 23.72
C GLU B 353 12.28 1.08 23.30
N LEU B 354 12.35 0.89 21.98
CA LEU B 354 13.08 -0.19 21.30
C LEU B 354 13.98 0.43 20.23
N MET B 355 15.11 -0.21 20.00
CA MET B 355 15.96 0.07 18.83
C MET B 355 15.98 -1.20 17.99
N VAL B 356 15.67 -1.07 16.71
CA VAL B 356 15.78 -2.17 15.75
C VAL B 356 17.18 -2.11 15.13
N LEU B 357 17.98 -3.14 15.37
CA LEU B 357 19.36 -3.19 14.86
C LEU B 357 19.34 -3.91 13.51
N ILE B 358 19.18 -3.15 12.42
CA ILE B 358 18.82 -3.74 11.11
C ILE B 358 19.91 -4.70 10.62
N PRO B 359 21.22 -4.41 10.76
CA PRO B 359 22.21 -5.36 10.25
C PRO B 359 22.10 -6.72 10.95
N GLN B 360 21.70 -6.74 12.22
CA GLN B 360 21.54 -8.02 12.94
C GLN B 360 20.26 -8.73 12.53
N LEU B 361 19.16 -8.00 12.34
CA LEU B 361 17.93 -8.60 11.78
C LEU B 361 18.31 -9.35 10.50
N HIS B 362 19.11 -8.70 9.67
CA HIS B 362 19.47 -9.22 8.33
C HIS B 362 20.47 -10.37 8.41
N ARG B 363 20.91 -10.72 9.62
CA ARG B 363 21.80 -11.89 9.85
C ARG B 363 21.08 -12.95 10.66
N ASP B 364 19.76 -12.88 10.77
CA ASP B 364 18.95 -13.88 11.52
C ASP B 364 19.00 -15.21 10.78
N LYS B 365 19.74 -16.18 11.30
CA LYS B 365 19.93 -17.48 10.63
C LYS B 365 18.61 -18.24 10.50
N THR B 366 17.62 -17.96 11.34
CA THR B 366 16.32 -18.67 11.26
C THR B 366 15.58 -18.22 10.00
N ILE B 367 15.88 -17.03 9.49
CA ILE B 367 15.26 -16.50 8.24
C ILE B 367 16.14 -16.85 7.04
N TRP B 368 17.43 -16.58 7.12
CA TRP B 368 18.31 -16.51 5.91
C TRP B 368 19.10 -17.80 5.73
N GLY B 369 19.16 -18.64 6.74
CA GLY B 369 20.04 -19.84 6.71
C GLY B 369 21.39 -19.53 7.32
N ASP B 370 22.31 -20.49 7.37
CA ASP B 370 23.52 -20.34 8.23
C ASP B 370 24.55 -19.43 7.55
N ASP B 371 24.49 -19.30 6.23
CA ASP B 371 25.51 -18.64 5.36
C ASP B 371 25.29 -17.11 5.33
N VAL B 372 24.88 -16.49 6.43
CA VAL B 372 24.37 -15.09 6.41
C VAL B 372 25.46 -14.09 6.02
N GLU B 373 26.75 -14.41 6.18
CA GLU B 373 27.82 -13.43 5.85
C GLU B 373 28.15 -13.47 4.36
N GLU B 374 27.68 -14.46 3.62
CA GLU B 374 28.00 -14.61 2.18
C GLU B 374 27.17 -13.59 1.40
N PHE B 375 27.78 -13.03 0.37
CA PHE B 375 27.11 -12.10 -0.57
C PHE B 375 26.52 -12.93 -1.69
N ARG B 376 25.20 -13.16 -1.63
CA ARG B 376 24.47 -14.05 -2.55
C ARG B 376 23.20 -13.36 -3.02
N PRO B 377 23.26 -12.58 -4.11
CA PRO B 377 22.06 -11.89 -4.63
C PRO B 377 20.90 -12.84 -4.92
N GLU B 378 21.19 -14.11 -5.18
CA GLU B 378 20.16 -15.11 -5.53
C GLU B 378 19.20 -15.33 -4.37
N ARG B 379 19.52 -14.88 -3.16
CA ARG B 379 18.54 -14.87 -2.04
C ARG B 379 17.28 -14.12 -2.47
N PHE B 380 17.42 -13.14 -3.36
CA PHE B 380 16.33 -12.22 -3.78
C PHE B 380 15.79 -12.59 -5.17
N GLU B 381 15.99 -13.84 -5.63
CA GLU B 381 15.37 -14.35 -6.87
C GLU B 381 13.89 -13.97 -6.88
N ASN B 382 13.19 -14.29 -5.79
CA ASN B 382 11.78 -13.89 -5.58
C ASN B 382 11.72 -13.19 -4.24
N PRO B 383 11.79 -11.85 -4.24
CA PRO B 383 11.76 -11.12 -2.97
C PRO B 383 10.49 -11.36 -2.13
N SER B 384 9.39 -11.77 -2.75
CA SER B 384 8.12 -12.16 -2.09
C SER B 384 8.34 -13.32 -1.12
N ALA B 385 9.37 -14.13 -1.31
CA ALA B 385 9.67 -15.29 -0.44
C ALA B 385 10.12 -14.86 0.96
N ILE B 386 10.58 -13.62 1.10
CA ILE B 386 11.08 -13.12 2.40
C ILE B 386 9.87 -12.86 3.29
N PRO B 387 9.83 -13.39 4.53
CA PRO B 387 8.74 -13.08 5.44
C PRO B 387 8.59 -11.59 5.74
N GLN B 388 7.41 -11.23 6.23
CA GLN B 388 7.19 -9.85 6.73
C GLN B 388 8.23 -9.52 7.80
N HIS B 389 8.75 -8.30 7.75
CA HIS B 389 9.54 -7.70 8.85
C HIS B 389 10.89 -8.41 8.98
N ALA B 390 11.34 -9.10 7.95
CA ALA B 390 12.64 -9.80 7.92
C ALA B 390 13.71 -8.97 7.21
N PHE B 391 13.30 -8.15 6.23
CA PHE B 391 14.23 -7.34 5.40
C PHE B 391 13.71 -5.92 5.48
N LYS B 392 14.37 -5.08 6.26
CA LYS B 392 13.81 -3.76 6.65
C LYS B 392 14.80 -2.62 6.50
N PRO B 393 15.55 -2.54 5.37
CA PRO B 393 16.50 -1.44 5.24
C PRO B 393 15.83 -0.07 5.06
N PHE B 394 14.53 -0.06 4.77
CA PHE B 394 13.74 1.18 4.53
C PHE B 394 12.76 1.45 5.66
N GLY B 395 12.99 0.85 6.82
CA GLY B 395 12.11 1.12 7.97
C GLY B 395 10.77 0.42 7.87
N ASN B 396 9.72 1.00 8.47
CA ASN B 396 8.48 0.25 8.68
C ASN B 396 7.24 1.13 8.52
N GLY B 397 6.25 0.59 7.83
CA GLY B 397 4.87 1.07 7.95
C GLY B 397 4.72 2.47 7.39
N GLN B 398 3.84 3.27 7.98
CA GLN B 398 3.60 4.62 7.43
C GLN B 398 4.83 5.51 7.66
N ARG B 399 5.78 5.10 8.52
CA ARG B 399 7.03 5.85 8.76
C ARG B 399 8.18 5.21 7.96
N ALA B 400 7.86 4.39 6.97
CA ALA B 400 8.89 3.81 6.09
C ALA B 400 9.45 4.91 5.18
N CYS B 401 10.57 4.59 4.56
N CYS B 401 10.59 4.61 4.61
CA CYS B 401 11.28 5.51 3.64
CA CYS B 401 11.26 5.50 3.65
C CYS B 401 10.34 5.96 2.50
C CYS B 401 10.30 5.96 2.54
N ILE B 402 10.14 7.26 2.36
CA ILE B 402 9.33 7.81 1.25
C ILE B 402 10.09 7.68 -0.07
N GLY B 403 11.42 7.61 -0.03
CA GLY B 403 12.29 7.68 -1.21
C GLY B 403 12.76 6.35 -1.71
N GLN B 404 12.27 5.24 -1.18
CA GLN B 404 12.82 3.90 -1.48
C GLN B 404 12.90 3.69 -2.99
N GLN B 405 11.81 3.93 -3.70
CA GLN B 405 11.79 3.64 -5.16
C GLN B 405 12.76 4.57 -5.88
N PHE B 406 12.86 5.82 -5.44
CA PHE B 406 13.79 6.82 -6.04
C PHE B 406 15.23 6.29 -5.87
N ALA B 407 15.58 5.92 -4.65
CA ALA B 407 16.94 5.45 -4.33
C ALA B 407 17.25 4.21 -5.17
N LEU B 408 16.35 3.25 -5.21
CA LEU B 408 16.66 2.00 -5.97
C LEU B 408 16.67 2.27 -7.47
N HIS B 409 15.87 3.16 -7.99
CA HIS B 409 15.89 3.48 -9.44
C HIS B 409 17.25 4.11 -9.76
N GLU B 410 17.66 5.12 -8.99
CA GLU B 410 18.96 5.79 -9.18
C GLU B 410 20.08 4.75 -9.10
N ALA B 411 20.09 3.96 -8.03
CA ALA B 411 21.22 3.02 -7.79
C ALA B 411 21.26 1.98 -8.91
N THR B 412 20.10 1.49 -9.34
CA THR B 412 20.04 0.47 -10.41
C THR B 412 20.55 1.08 -11.72
N LEU B 413 20.08 2.26 -12.07
CA LEU B 413 20.54 2.97 -13.30
C LEU B 413 22.06 3.09 -13.27
N VAL B 414 22.58 3.64 -12.18
CA VAL B 414 24.03 4.00 -12.12
C VAL B 414 24.84 2.70 -12.10
N LEU B 415 24.48 1.75 -11.27
CA LEU B 415 25.27 0.49 -11.21
C LEU B 415 25.17 -0.22 -12.57
N GLY B 416 24.02 -0.19 -13.22
CA GLY B 416 23.90 -0.79 -14.57
C GLY B 416 24.85 -0.11 -15.54
N MET B 417 24.86 1.20 -15.55
CA MET B 417 25.78 1.93 -16.46
C MET B 417 27.26 1.63 -16.11
N MET B 418 27.59 1.58 -14.83
CA MET B 418 28.98 1.27 -14.41
C MET B 418 29.37 -0.09 -14.96
N LEU B 419 28.50 -1.09 -14.82
CA LEU B 419 28.81 -2.48 -15.25
C LEU B 419 28.80 -2.62 -16.76
N LYS B 420 28.03 -1.81 -17.46
CA LYS B 420 28.05 -1.79 -18.94
C LYS B 420 29.38 -1.21 -19.43
N HIS B 421 29.87 -0.16 -18.78
CA HIS B 421 30.91 0.70 -19.39
C HIS B 421 32.32 0.31 -18.92
N PHE B 422 32.49 -0.39 -17.80
CA PHE B 422 33.83 -0.64 -17.21
C PHE B 422 33.98 -2.05 -16.67
N ASP B 423 35.20 -2.54 -16.73
CA ASP B 423 35.67 -3.66 -15.88
C ASP B 423 36.31 -3.04 -14.64
N PHE B 424 36.23 -3.70 -13.51
CA PHE B 424 36.71 -3.16 -12.22
C PHE B 424 37.81 -4.04 -11.64
N GLU B 425 38.77 -3.40 -11.00
CA GLU B 425 39.90 -4.06 -10.34
C GLU B 425 39.97 -3.58 -8.90
N ASP B 426 39.99 -4.53 -7.97
CA ASP B 426 40.26 -4.26 -6.55
C ASP B 426 41.78 -4.24 -6.39
N HIS B 427 42.43 -3.18 -6.88
CA HIS B 427 43.89 -3.17 -7.11
C HIS B 427 44.65 -3.12 -5.79
N THR B 428 44.03 -2.67 -4.69
CA THR B 428 44.66 -2.62 -3.36
C THR B 428 44.28 -3.81 -2.49
N ASN B 429 43.45 -4.74 -2.94
CA ASN B 429 42.88 -5.80 -2.07
C ASN B 429 42.32 -5.13 -0.81
N TYR B 430 41.36 -4.24 -1.03
CA TYR B 430 40.85 -3.30 -0.01
C TYR B 430 40.26 -4.07 1.16
N GLU B 431 40.63 -3.66 2.38
CA GLU B 431 40.07 -4.22 3.62
C GLU B 431 38.90 -3.37 4.04
N LEU B 432 37.73 -3.96 4.11
CA LEU B 432 36.51 -3.19 4.45
C LEU B 432 36.71 -2.45 5.76
N ASP B 433 36.48 -1.15 5.74
CA ASP B 433 36.58 -0.24 6.89
C ASP B 433 35.32 0.62 6.83
N ILE B 434 34.37 0.37 7.72
CA ILE B 434 33.05 1.03 7.67
C ILE B 434 33.06 2.25 8.57
N LYS B 435 32.98 3.42 7.96
CA LYS B 435 32.92 4.70 8.68
C LYS B 435 31.48 4.92 9.11
N GLU B 436 31.30 5.41 10.33
CA GLU B 436 29.97 5.69 10.89
C GLU B 436 29.79 7.18 11.05
N THR B 437 28.67 7.68 10.55
CA THR B 437 28.21 9.08 10.68
C THR B 437 26.71 9.01 10.95
N LEU B 438 26.31 8.17 11.90
CA LEU B 438 24.94 7.61 12.06
C LEU B 438 24.73 6.60 10.94
N THR B 439 24.80 7.10 9.71
CA THR B 439 24.79 6.24 8.49
C THR B 439 26.13 5.51 8.35
N LEU B 440 26.15 4.48 7.50
CA LEU B 440 27.35 3.63 7.27
C LEU B 440 27.85 3.81 5.85
N LYS B 441 29.16 3.79 5.68
CA LYS B 441 29.74 3.85 4.31
C LYS B 441 31.15 3.31 4.39
N PRO B 442 31.62 2.55 3.39
CA PRO B 442 33.03 2.19 3.33
C PRO B 442 33.87 3.48 3.32
N GLU B 443 35.00 3.44 4.00
CA GLU B 443 36.01 4.51 3.97
C GLU B 443 37.25 3.97 3.27
N GLY B 444 37.81 4.78 2.37
CA GLY B 444 39.10 4.48 1.73
C GLY B 444 38.98 3.44 0.64
N PHE B 445 37.75 3.12 0.23
CA PHE B 445 37.50 2.13 -0.83
C PHE B 445 37.86 2.77 -2.18
N VAL B 446 38.83 2.15 -2.85
CA VAL B 446 39.36 2.60 -4.15
C VAL B 446 39.36 1.40 -5.09
N VAL B 447 39.12 1.66 -6.36
CA VAL B 447 39.20 0.64 -7.44
C VAL B 447 39.86 1.28 -8.66
N LYS B 448 40.22 0.44 -9.62
CA LYS B 448 40.57 0.88 -10.98
C LYS B 448 39.47 0.43 -11.92
N ALA B 449 39.09 1.27 -12.85
CA ALA B 449 38.06 0.97 -13.87
C ALA B 449 38.69 1.03 -15.24
N LYS B 450 38.69 -0.09 -15.94
CA LYS B 450 39.19 -0.20 -17.34
C LYS B 450 37.99 -0.09 -18.26
N SER B 451 37.98 0.94 -19.10
CA SER B 451 36.87 1.19 -20.03
C SER B 451 36.69 -0.02 -20.96
N LYS B 452 35.43 -0.38 -21.19
CA LYS B 452 35.03 -1.29 -22.30
C LYS B 452 34.91 -0.50 -23.60
N LYS B 453 35.14 0.81 -23.58
CA LYS B 453 35.17 1.72 -24.77
C LYS B 453 33.82 1.63 -25.50
N ILE B 454 32.72 1.72 -24.77
CA ILE B 454 31.36 1.76 -25.37
C ILE B 454 30.89 3.21 -25.32
N PRO B 455 30.65 3.85 -26.48
CA PRO B 455 30.21 5.25 -26.54
C PRO B 455 28.88 5.51 -25.82
N LEU B 456 28.72 6.74 -25.31
CA LEU B 456 27.47 7.28 -24.72
C LEU B 456 26.65 8.00 -25.80
CHA HEM C . -23.15 1.38 -2.77
CHA HEM C . -23.01 1.60 -2.68
CHB HEM C . -19.49 -1.69 -3.50
CHB HEM C . -24.56 -1.26 0.91
CHC HEM C . -20.53 -4.00 0.59
CHC HEM C . -20.53 -3.94 0.58
CHD HEM C . -24.50 -1.21 1.11
CHD HEM C . -19.54 -1.64 -3.54
C1A HEM C . -22.01 0.77 -3.31
C1A HEM C . -23.81 1.03 -1.69
C2A HEM C . -21.33 1.22 -4.52
C2A HEM C . -25.10 1.52 -1.28
C3A HEM C . -20.30 0.33 -4.73
C3A HEM C . -25.56 0.70 -0.29
C4A HEM C . -20.37 -0.63 -3.65
C4A HEM C . -24.51 -0.30 -0.08
CMA HEM C . -19.31 0.31 -5.84
CMA HEM C . -26.86 0.77 0.48
CAA HEM C . -21.70 2.42 -5.34
CAA HEM C . -25.74 2.71 -1.89
CBA HEM C . -22.44 2.05 -6.63
CBA HEM C . -25.25 3.94 -1.05
CGA HEM C . -22.82 3.23 -7.50
CGA HEM C . -25.87 5.27 -1.44
O1A HEM C . -23.86 2.92 -8.28
O1A HEM C . -26.67 5.74 -0.48
O2A HEM C . -22.25 4.29 -7.54
O2A HEM C . -26.07 5.58 -2.58
C1B HEM C . -19.48 -2.61 -2.46
C1B HEM C . -23.57 -2.19 1.17
C2B HEM C . -18.46 -3.65 -2.32
C2B HEM C . -23.66 -3.16 2.22
C3B HEM C . -18.76 -4.29 -1.16
C3B HEM C . -22.53 -3.94 2.14
C4B HEM C . -19.94 -3.67 -0.60
C4B HEM C . -21.76 -3.43 1.03
CMB HEM C . -17.32 -3.92 -3.27
CMB HEM C . -24.84 -3.22 3.16
CAB HEM C . -18.10 -5.41 -0.54
CAB HEM C . -22.08 -5.06 2.93
CBB HEM C . -16.81 -5.75 -0.62
CBB HEM C . -22.22 -5.14 4.24
C1C HEM C . -21.70 -3.41 1.14
C1C HEM C . -19.96 -3.62 -0.64
C2C HEM C . -22.31 -3.77 2.38
C2C HEM C . -18.86 -4.30 -1.28
C3C HEM C . -23.44 -2.99 2.51
C3C HEM C . -18.60 -3.66 -2.45
C4C HEM C . -23.50 -2.12 1.35
C4C HEM C . -19.54 -2.56 -2.51
CMC HEM C . -21.79 -4.86 3.26
CMC HEM C . -18.21 -5.51 -0.73
CAC HEM C . -24.42 -2.99 3.59
CAC HEM C . -17.60 -3.94 -3.46
CBC HEM C . -24.17 -3.51 4.75
CBC HEM C . -16.47 -4.55 -3.17
C1D HEM C . -24.49 -0.30 0.04
C1D HEM C . -20.38 -0.55 -3.65
C2D HEM C . -25.52 0.73 -0.14
C2D HEM C . -20.33 0.37 -4.78
C3D HEM C . -25.12 1.48 -1.20
C3D HEM C . -21.31 1.31 -4.53
C4D HEM C . -23.89 0.91 -1.69
C4D HEM C . -21.93 0.94 -3.28
CMD HEM C . -26.73 0.90 0.73
CMD HEM C . -19.41 0.29 -5.93
CAD HEM C . -25.82 2.66 -1.76
CAD HEM C . -21.66 2.48 -5.39
CBD HEM C . -25.29 3.90 -0.97
CBD HEM C . -22.80 2.04 -6.33
CGD HEM C . -26.01 5.19 -1.29
CGD HEM C . -22.98 3.00 -7.51
O1D HEM C . -25.78 5.57 -2.54
O1D HEM C . -22.41 4.18 -7.33
O2D HEM C . -26.31 6.01 -0.48
O2D HEM C . -23.85 2.86 -8.35
NA HEM C . -21.43 -0.36 -2.78
NA HEM C . -23.45 -0.06 -0.94
NB HEM C . -20.39 -2.66 -1.42
NB HEM C . -22.40 -2.37 0.45
NC HEM C . -22.42 -2.41 0.53
NC HEM C . -20.37 -2.58 -1.42
ND HEM C . -23.51 -0.18 -0.93
ND HEM C . -21.37 -0.21 -2.75
FE HEM C . -21.87 -1.34 -1.09
FE HEM C . -21.74 -1.15 -1.01
O21 8PD D . -26.03 0.49 -18.42
C01 8PD D . -30.37 -3.61 -4.60
C02 8PD D . -28.89 -3.68 -4.31
C03 8PD D . -28.10 -3.62 -5.59
C04 8PD D . -27.17 -4.75 -5.89
C05 8PD D . -26.68 -4.41 -7.30
C06 8PD D . -25.19 -4.35 -7.26
C07 8PD D . -24.77 -4.34 -8.72
C08 8PD D . -23.57 -3.44 -8.87
C09 8PD D . -22.92 -3.56 -10.26
C10 8PD D . -23.68 -2.80 -11.31
C11 8PD D . -22.72 -2.64 -12.49
C12 8PD D . -23.01 -3.72 -13.50
C13 8PD D . -22.56 -3.20 -14.85
C14 8PD D . -22.98 -4.25 -15.85
C15 8PD D . -22.16 -4.01 -17.11
C16 8PD D . -22.48 -2.71 -17.83
N17 8PD D . -23.79 -2.27 -17.92
C18 8PD D . -24.20 -1.03 -18.65
C19 8PD D . -25.52 -0.57 -17.99
O20 8PD D . -26.00 -1.28 -17.08
C22 8PD D . -24.36 -1.44 -20.11
C23 8PD D . -24.49 -0.24 -21.07
O24 8PD D . -25.88 -0.09 -21.17
O25 8PD D . -21.56 -1.98 -18.35
CHA HEM E . 12.93 7.33 6.16
CHA HEM E . 12.73 7.11 6.11
CHB HEM E . 16.48 4.32 4.81
CHB HEM E . 13.76 9.98 2.36
CHC HEM E . 16.86 6.71 0.60
CHC HEM E . 16.77 6.70 0.54
CHD HEM E . 13.83 10.09 2.27
CHD HEM E . 16.44 4.35 4.76
C1A HEM E . 13.83 6.25 6.16
C1A HEM E . 12.77 8.18 5.23
C2A HEM E . 13.95 5.24 7.21
C2A HEM E . 12.03 9.40 5.41
C3A HEM E . 14.97 4.40 6.83
C3A HEM E . 12.32 10.23 4.39
C4A HEM E . 15.45 4.91 5.53
C4A HEM E . 13.26 9.50 3.56
CMA HEM E . 15.50 3.19 7.56
CMA HEM E . 11.79 11.62 4.13
CAA HEM E . 13.14 5.13 8.47
CAA HEM E . 11.12 9.59 6.56
CBA HEM E . 13.81 5.92 9.60
CBA HEM E . 9.73 9.01 6.18
CGA HEM E . 13.35 5.68 11.03
CGA HEM E . 8.65 9.52 7.10
O1A HEM E . 12.22 5.05 11.21
O1A HEM E . 8.97 9.29 8.37
O2A HEM E . 13.83 6.41 11.88
O2A HEM E . 7.58 9.98 6.78
C1B HEM E . 16.91 4.74 3.54
C1B HEM E . 14.63 9.30 1.52
C2B HEM E . 17.90 4.03 2.80
C2B HEM E . 15.07 9.86 0.28
C3B HEM E . 17.99 4.66 1.59
C3B HEM E . 15.94 8.93 -0.26
C4B HEM E . 17.09 5.80 1.63
C4B HEM E . 16.01 7.83 0.67
CMB HEM E . 18.64 2.79 3.26
CMB HEM E . 14.63 11.19 -0.27
CAB HEM E . 18.84 4.41 0.45
CAB HEM E . 16.68 9.01 -1.49
CBB HEM E . 19.28 3.21 0.07
CBB HEM E . 16.09 9.23 -2.66
C1C HEM E . 16.03 7.81 0.63
C1C HEM E . 17.03 5.82 1.59
C2C HEM E . 15.84 8.76 -0.43
C2C HEM E . 18.04 4.81 1.59
C3C HEM E . 14.98 9.72 0.05
C3C HEM E . 17.96 4.15 2.80
C4C HEM E . 14.66 9.34 1.41
C4C HEM E . 16.86 4.77 3.50
CMC HEM E . 16.54 8.65 -1.75
CMC HEM E . 18.97 4.64 0.43
CAC HEM E . 14.44 10.92 -0.60
CAC HEM E . 18.75 3.04 3.32
CBC HEM E . 14.43 11.09 -1.89
CBC HEM E . 19.25 2.09 2.55
C1D HEM E . 13.40 9.66 3.52
C1D HEM E . 15.40 4.89 5.50
C2D HEM E . 12.43 10.38 4.31
C2D HEM E . 15.00 4.41 6.83
C3D HEM E . 12.11 9.59 5.37
C3D HEM E . 13.93 5.18 7.21
C4D HEM E . 12.91 8.39 5.25
C4D HEM E . 13.70 6.12 6.13
CMD HEM E . 11.86 11.76 4.00
CMD HEM E . 15.66 3.28 7.57
CAD HEM E . 11.14 9.94 6.45
CAD HEM E . 13.14 5.10 8.49
CBD HEM E . 9.74 9.38 6.03
CBD HEM E . 13.85 5.76 9.67
CGD HEM E . 8.65 9.61 7.07
CGD HEM E . 13.05 5.75 10.95
O1D HEM E . 7.62 10.32 6.64
O1D HEM E . 12.29 4.68 11.12
O2D HEM E . 8.70 9.23 8.23
O2D HEM E . 13.43 6.44 11.91
NA HEM E . 14.75 6.06 5.16
NA HEM E . 13.52 8.25 4.10
NB HEM E . 16.44 5.83 2.84
NB HEM E . 15.21 8.07 1.76
NC HEM E . 15.31 8.18 1.75
NC HEM E . 16.32 5.78 2.76
ND HEM E . 13.69 8.44 4.11
ND HEM E . 14.60 5.94 5.11
FE HEM E . 14.95 7.07 3.38
FE HEM E . 14.74 6.87 3.32
O21 8PD F . 19.43 6.57 20.85
C01 8PD F . 17.61 14.77 8.26
C02 8PD F . 17.59 13.40 7.64
C03 8PD F . 18.21 12.38 8.53
C04 8PD F . 19.27 11.49 7.95
C05 8PD F . 19.93 10.84 9.18
C06 8PD F . 19.71 9.37 8.99
C07 8PD F . 20.29 8.65 10.20
C08 8PD F . 19.82 7.22 10.04
C09 8PD F . 20.42 6.37 11.14
C10 8PD F . 20.00 6.66 12.57
C11 8PD F . 20.40 5.48 13.46
C12 8PD F . 21.82 5.51 14.04
C13 8PD F . 21.82 4.84 15.41
C14 8PD F . 23.14 5.18 16.04
C15 8PD F . 23.44 4.04 17.02
C16 8PD F . 22.46 3.95 18.18
N17 8PD F . 21.96 5.09 18.79
C18 8PD F . 21.04 5.09 19.95
C19 8PD F . 20.28 6.40 19.94
O20 8PD F . 20.55 7.22 19.03
C22 8PD F . 22.03 5.00 21.13
C23 8PD F . 21.29 4.71 22.42
O24 8PD F . 21.14 5.93 23.10
O25 8PD F . 22.09 2.80 18.61
C1 GOL G . 9.07 -0.98 3.07
O1 GOL G . 10.00 -1.74 2.31
C2 GOL G . 8.35 -1.80 4.13
O2 GOL G . 9.18 -2.78 4.75
C3 GOL G . 7.71 -0.96 5.20
O3 GOL G . 6.91 -1.72 6.11
C1 GOL H . 13.51 -2.27 -9.69
O1 GOL H . 12.30 -1.82 -10.29
C2 GOL H . 14.56 -2.54 -10.75
O2 GOL H . 14.97 -1.30 -11.33
C3 GOL H . 15.76 -3.29 -10.20
O3 GOL H . 16.26 -2.64 -9.03
#